data_5J17
#
_entry.id   5J17
#
_entity_poly.entity_id   1
_entity_poly.type   'polypeptide(L)'
_entity_poly.pdbx_seq_one_letter_code
;GSLEVLFQGPSPQKPIVRVFLPNKQRTVVPARCGVTVRDSLKKALMMRGLIPECCAVYRIQDGEKKPIGWDTDISWLTGE
ELHVEVLENVPL
;
_entity_poly.pdbx_strand_id   A
#
# COMPACT_ATOMS: atom_id res chain seq x y z
N SER A 11 4.96 -26.02 -0.74
CA SER A 11 5.14 -24.90 0.20
C SER A 11 4.17 -23.76 -0.12
N PRO A 12 3.42 -23.30 0.89
CA PRO A 12 2.45 -22.19 0.75
C PRO A 12 3.12 -20.89 0.33
N GLN A 13 3.17 -20.66 -0.98
CA GLN A 13 3.84 -19.48 -1.53
C GLN A 13 2.88 -18.31 -1.65
N LYS A 14 3.00 -17.37 -0.73
CA LYS A 14 2.19 -16.17 -0.73
C LYS A 14 3.08 -14.93 -0.75
N PRO A 15 3.14 -14.23 -1.88
CA PRO A 15 3.97 -13.03 -2.01
C PRO A 15 3.43 -11.86 -1.21
N ILE A 16 4.29 -10.90 -0.91
CA ILE A 16 3.92 -9.76 -0.09
C ILE A 16 4.31 -8.45 -0.75
N VAL A 17 3.79 -7.35 -0.23
CA VAL A 17 4.03 -6.04 -0.80
C VAL A 17 4.54 -5.08 0.28
N ARG A 18 5.68 -4.44 0.01
CA ARG A 18 6.38 -3.65 1.03
C ARG A 18 6.00 -2.19 0.96
N VAL A 19 4.99 -1.84 1.73
CA VAL A 19 4.51 -0.47 1.76
C VAL A 19 5.17 0.31 2.88
N PHE A 20 5.07 1.61 2.75
CA PHE A 20 5.67 2.54 3.69
C PHE A 20 4.60 3.50 4.22
N LEU A 21 4.19 3.31 5.45
CA LEU A 21 3.10 4.11 6.02
C LEU A 21 3.64 5.45 6.49
N PRO A 22 2.75 6.42 6.80
CA PRO A 22 3.13 7.74 7.31
C PRO A 22 4.14 7.69 8.46
N ASN A 23 4.99 8.71 8.51
CA ASN A 23 5.99 8.85 9.57
C ASN A 23 7.08 7.80 9.45
N LYS A 24 7.40 7.44 8.21
CA LYS A 24 8.48 6.51 7.90
C LYS A 24 8.22 5.12 8.49
N GLN A 25 6.99 4.68 8.35
CA GLN A 25 6.61 3.34 8.79
C GLN A 25 6.64 2.39 7.61
N ARG A 26 6.60 1.09 7.87
CA ARG A 26 6.64 0.11 6.80
C ARG A 26 5.82 -1.12 7.16
N THR A 27 5.20 -1.70 6.16
CA THR A 27 4.43 -2.91 6.35
C THR A 27 4.54 -3.78 5.11
N VAL A 28 4.45 -5.09 5.27
CA VAL A 28 4.34 -5.96 4.13
C VAL A 28 3.06 -6.75 4.22
N VAL A 29 2.27 -6.70 3.18
CA VAL A 29 0.98 -7.34 3.15
C VAL A 29 0.91 -8.28 1.96
N PRO A 30 0.42 -9.51 2.16
CA PRO A 30 0.31 -10.50 1.10
C PRO A 30 -0.41 -9.95 -0.12
N ALA A 31 0.22 -10.10 -1.28
CA ALA A 31 -0.31 -9.57 -2.52
C ALA A 31 -1.53 -10.37 -2.97
N ARG A 32 -2.66 -10.07 -2.34
CA ARG A 32 -3.91 -10.75 -2.60
C ARG A 32 -4.45 -10.44 -3.99
N CYS A 33 -4.53 -11.46 -4.83
CA CYS A 33 -5.16 -11.33 -6.12
C CYS A 33 -6.67 -11.43 -5.95
N GLY A 34 -7.36 -10.31 -6.13
CA GLY A 34 -8.78 -10.25 -5.85
C GLY A 34 -9.05 -9.36 -4.65
N VAL A 35 -8.09 -8.51 -4.34
CA VAL A 35 -8.20 -7.59 -3.22
C VAL A 35 -7.59 -6.25 -3.61
N THR A 36 -8.31 -5.18 -3.34
CA THR A 36 -7.82 -3.85 -3.61
C THR A 36 -6.75 -3.46 -2.60
N VAL A 37 -5.84 -2.57 -2.99
CA VAL A 37 -4.84 -2.06 -2.08
C VAL A 37 -5.56 -1.39 -0.90
N ARG A 38 -6.80 -1.01 -1.12
CA ARG A 38 -7.65 -0.48 -0.07
C ARG A 38 -7.82 -1.49 1.04
N ASP A 39 -8.33 -2.65 0.71
CA ASP A 39 -8.60 -3.70 1.70
C ASP A 39 -7.31 -4.20 2.34
N SER A 40 -6.34 -4.51 1.50
CA SER A 40 -5.07 -5.02 1.93
C SER A 40 -4.33 -4.03 2.85
N LEU A 41 -4.12 -2.82 2.36
CA LEU A 41 -3.45 -1.78 3.13
C LEU A 41 -4.37 -1.23 4.22
N LYS A 42 -5.66 -1.51 4.11
CA LYS A 42 -6.61 -1.12 5.15
C LYS A 42 -6.20 -1.77 6.43
N LYS A 43 -5.94 -3.06 6.36
CA LYS A 43 -5.43 -3.79 7.51
C LYS A 43 -4.12 -3.21 7.97
N ALA A 44 -3.20 -3.02 7.03
CA ALA A 44 -1.90 -2.40 7.30
C ALA A 44 -2.03 -1.13 8.15
N LEU A 45 -2.84 -0.19 7.69
CA LEU A 45 -3.05 1.08 8.39
C LEU A 45 -3.91 0.91 9.64
N MET A 46 -4.96 0.13 9.52
CA MET A 46 -5.93 -0.04 10.58
C MET A 46 -5.29 -0.75 11.79
N MET A 47 -4.36 -1.66 11.53
CA MET A 47 -3.63 -2.33 12.61
C MET A 47 -2.61 -1.38 13.21
N ARG A 48 -2.43 -0.24 12.56
CA ARG A 48 -1.48 0.76 12.99
C ARG A 48 -2.19 1.99 13.54
N GLY A 49 -3.51 1.96 13.56
CA GLY A 49 -4.28 3.08 14.08
C GLY A 49 -4.39 4.21 13.08
N LEU A 50 -4.20 3.89 11.80
CA LEU A 50 -4.30 4.87 10.73
C LEU A 50 -5.49 4.55 9.84
N ILE A 51 -5.77 5.46 8.92
CA ILE A 51 -6.86 5.25 7.98
C ILE A 51 -6.43 5.55 6.55
N PRO A 52 -6.75 4.65 5.61
CA PRO A 52 -6.40 4.78 4.19
C PRO A 52 -7.09 5.96 3.50
N GLU A 53 -8.19 6.42 4.09
CA GLU A 53 -8.97 7.50 3.50
C GLU A 53 -8.17 8.80 3.43
N CYS A 54 -7.30 9.02 4.39
CA CYS A 54 -6.51 10.23 4.42
C CYS A 54 -5.09 9.93 3.95
N CYS A 55 -4.98 8.98 3.04
CA CYS A 55 -3.67 8.56 2.53
C CYS A 55 -3.75 8.23 1.05
N ALA A 56 -2.60 8.08 0.42
CA ALA A 56 -2.51 7.66 -0.99
C ALA A 56 -1.39 6.65 -1.17
N VAL A 57 -1.49 5.83 -2.20
CA VAL A 57 -0.50 4.80 -2.47
C VAL A 57 0.35 5.18 -3.68
N TYR A 58 1.65 4.98 -3.58
CA TYR A 58 2.56 5.21 -4.70
C TYR A 58 3.48 4.03 -4.90
N ARG A 59 3.91 3.82 -6.13
CA ARG A 59 4.99 2.90 -6.42
C ARG A 59 6.12 3.67 -7.09
N ILE A 60 7.26 3.74 -6.41
CA ILE A 60 8.38 4.51 -6.90
C ILE A 60 9.22 3.70 -7.87
N GLN A 61 9.22 4.10 -9.13
CA GLN A 61 10.12 3.55 -10.11
C GLN A 61 11.41 4.36 -10.09
N ASP A 62 12.10 4.46 -11.23
CA ASP A 62 13.36 5.20 -11.33
C ASP A 62 13.21 6.67 -10.89
N GLY A 63 13.20 6.89 -9.57
CA GLY A 63 13.06 8.22 -9.03
C GLY A 63 11.73 8.85 -9.37
N GLU A 64 10.76 8.03 -9.75
CA GLU A 64 9.47 8.57 -10.15
C GLU A 64 8.32 7.93 -9.36
N LYS A 65 7.40 8.77 -8.91
CA LYS A 65 6.29 8.31 -8.10
C LYS A 65 5.10 7.97 -8.99
N LYS A 66 4.55 6.78 -8.83
CA LYS A 66 3.35 6.40 -9.55
C LYS A 66 2.21 6.26 -8.56
N PRO A 67 1.36 7.30 -8.44
CA PRO A 67 0.23 7.26 -7.54
C PRO A 67 -0.80 6.23 -7.96
N ILE A 68 -1.02 5.29 -7.07
CA ILE A 68 -1.91 4.18 -7.28
C ILE A 68 -3.27 4.45 -6.68
N GLY A 69 -4.29 3.81 -7.22
CA GLY A 69 -5.62 3.95 -6.71
C GLY A 69 -5.89 2.97 -5.59
N TRP A 70 -6.68 3.36 -4.60
CA TRP A 70 -7.00 2.47 -3.50
C TRP A 70 -7.90 1.33 -3.99
N ASP A 71 -8.63 1.57 -5.06
CA ASP A 71 -9.47 0.53 -5.65
C ASP A 71 -8.68 -0.29 -6.66
N THR A 72 -7.37 -0.08 -6.69
CA THR A 72 -6.49 -0.87 -7.53
C THR A 72 -6.14 -2.17 -6.80
N ASP A 73 -6.03 -3.26 -7.53
CA ASP A 73 -5.70 -4.54 -6.92
C ASP A 73 -4.21 -4.58 -6.56
N ILE A 74 -3.92 -5.10 -5.38
CA ILE A 74 -2.56 -5.11 -4.85
C ILE A 74 -1.70 -6.20 -5.49
N SER A 75 -2.34 -7.19 -6.12
CA SER A 75 -1.60 -8.24 -6.80
C SER A 75 -0.90 -7.69 -8.04
N TRP A 76 -1.31 -6.49 -8.46
CA TRP A 76 -0.64 -5.80 -9.56
C TRP A 76 0.76 -5.40 -9.12
N LEU A 77 0.84 -4.95 -7.87
CA LEU A 77 2.08 -4.43 -7.31
C LEU A 77 2.76 -5.49 -6.44
N THR A 78 2.57 -6.75 -6.80
CA THR A 78 3.13 -7.87 -6.06
C THR A 78 4.64 -7.73 -5.85
N GLY A 79 5.00 -7.57 -4.59
CA GLY A 79 6.39 -7.62 -4.20
C GLY A 79 7.11 -6.30 -4.38
N GLU A 80 6.38 -5.27 -4.79
CA GLU A 80 6.96 -3.96 -5.00
C GLU A 80 6.90 -3.15 -3.72
N GLU A 81 7.80 -2.18 -3.58
CA GLU A 81 7.78 -1.29 -2.44
C GLU A 81 6.84 -0.12 -2.71
N LEU A 82 5.73 -0.08 -2.01
CA LEU A 82 4.75 0.98 -2.19
C LEU A 82 4.85 1.98 -1.05
N HIS A 83 4.25 3.15 -1.23
CA HIS A 83 4.28 4.18 -0.22
C HIS A 83 2.88 4.70 0.07
N VAL A 84 2.57 4.86 1.34
CA VAL A 84 1.30 5.41 1.76
C VAL A 84 1.55 6.76 2.44
N GLU A 85 1.16 7.82 1.75
CA GLU A 85 1.42 9.17 2.21
C GLU A 85 0.13 9.84 2.66
N VAL A 86 0.24 10.82 3.54
CA VAL A 86 -0.93 11.42 4.14
C VAL A 86 -1.47 12.55 3.27
N LEU A 87 -2.77 12.53 3.03
CA LEU A 87 -3.42 13.63 2.34
C LEU A 87 -3.58 14.80 3.29
N GLU A 88 -2.49 15.53 3.44
CA GLU A 88 -2.41 16.63 4.36
C GLU A 88 -1.82 17.84 3.64
N ASN A 89 -2.67 18.78 3.29
CA ASN A 89 -2.26 19.95 2.53
C ASN A 89 -1.63 20.99 3.44
N VAL A 90 -0.38 20.75 3.82
CA VAL A 90 0.36 21.67 4.66
C VAL A 90 1.68 22.06 4.00
N SER A 11 -1.99 -21.20 -0.95
CA SER A 11 -0.79 -20.84 -1.74
C SER A 11 0.48 -21.30 -1.04
N PRO A 12 1.25 -22.18 -1.70
CA PRO A 12 2.52 -22.69 -1.18
C PRO A 12 3.52 -21.56 -0.94
N GLN A 13 3.39 -20.51 -1.72
CA GLN A 13 4.16 -19.30 -1.53
C GLN A 13 3.23 -18.09 -1.56
N LYS A 14 3.18 -17.35 -0.47
CA LYS A 14 2.30 -16.20 -0.38
C LYS A 14 3.13 -14.92 -0.35
N PRO A 15 3.25 -14.24 -1.50
CA PRO A 15 4.09 -13.05 -1.64
C PRO A 15 3.50 -11.83 -0.93
N ILE A 16 4.35 -10.86 -0.66
CA ILE A 16 3.94 -9.62 -0.03
C ILE A 16 4.31 -8.44 -0.90
N VAL A 17 3.84 -7.27 -0.50
CA VAL A 17 4.27 -6.03 -1.10
C VAL A 17 4.56 -5.06 0.04
N ARG A 18 5.69 -4.39 -0.03
CA ARG A 18 6.25 -3.74 1.13
C ARG A 18 5.94 -2.24 1.17
N VAL A 19 5.04 -1.87 2.06
CA VAL A 19 4.50 -0.52 2.11
C VAL A 19 5.15 0.33 3.19
N PHE A 20 5.30 1.60 2.88
CA PHE A 20 5.83 2.58 3.81
C PHE A 20 4.72 3.52 4.27
N LEU A 21 4.24 3.34 5.49
CA LEU A 21 3.09 4.10 6.00
C LEU A 21 3.57 5.47 6.48
N PRO A 22 2.66 6.38 6.85
CA PRO A 22 3.02 7.70 7.40
C PRO A 22 3.95 7.59 8.60
N ASN A 23 4.65 8.67 8.91
CA ASN A 23 5.65 8.69 9.99
C ASN A 23 6.81 7.78 9.64
N LYS A 24 7.00 7.56 8.33
CA LYS A 24 8.07 6.71 7.83
C LYS A 24 7.99 5.31 8.42
N GLN A 25 6.78 4.78 8.47
CA GLN A 25 6.56 3.44 8.96
C GLN A 25 6.65 2.46 7.81
N ARG A 26 6.72 1.17 8.09
CA ARG A 26 6.75 0.18 7.03
C ARG A 26 6.05 -1.09 7.46
N THR A 27 5.16 -1.54 6.60
CA THR A 27 4.42 -2.76 6.81
C THR A 27 4.21 -3.42 5.46
N VAL A 28 4.35 -4.73 5.39
CA VAL A 28 4.16 -5.39 4.12
C VAL A 28 2.98 -6.33 4.16
N VAL A 29 2.10 -6.17 3.19
CA VAL A 29 0.85 -6.89 3.15
C VAL A 29 0.90 -7.96 2.08
N PRO A 30 0.40 -9.17 2.39
CA PRO A 30 0.34 -10.27 1.43
C PRO A 30 -0.46 -9.88 0.21
N ALA A 31 0.13 -10.12 -0.96
CA ALA A 31 -0.50 -9.77 -2.21
C ALA A 31 -1.74 -10.62 -2.45
N ARG A 32 -2.87 -10.10 -2.00
CA ARG A 32 -4.14 -10.82 -2.08
C ARG A 32 -4.70 -10.77 -3.49
N CYS A 33 -4.72 -11.91 -4.14
CA CYS A 33 -5.25 -12.01 -5.49
C CYS A 33 -6.77 -11.90 -5.48
N GLY A 34 -7.29 -10.84 -6.09
CA GLY A 34 -8.72 -10.63 -6.12
C GLY A 34 -9.17 -9.65 -5.07
N VAL A 35 -8.21 -8.91 -4.53
CA VAL A 35 -8.50 -7.91 -3.51
C VAL A 35 -7.84 -6.59 -3.89
N THR A 36 -8.47 -5.50 -3.48
CA THR A 36 -7.96 -4.18 -3.79
C THR A 36 -6.89 -3.75 -2.80
N VAL A 37 -6.01 -2.86 -3.26
CA VAL A 37 -5.02 -2.21 -2.41
C VAL A 37 -5.73 -1.57 -1.22
N ARG A 38 -6.97 -1.15 -1.46
CA ARG A 38 -7.82 -0.61 -0.43
C ARG A 38 -7.94 -1.57 0.73
N ASP A 39 -8.43 -2.78 0.47
CA ASP A 39 -8.63 -3.78 1.52
C ASP A 39 -7.32 -4.18 2.17
N SER A 40 -6.34 -4.47 1.33
CA SER A 40 -5.03 -4.90 1.77
C SER A 40 -4.35 -3.85 2.67
N LEU A 41 -4.29 -2.61 2.19
CA LEU A 41 -3.63 -1.55 2.94
C LEU A 41 -4.54 -1.06 4.06
N LYS A 42 -5.83 -1.33 3.94
CA LYS A 42 -6.78 -1.00 5.00
C LYS A 42 -6.39 -1.72 6.26
N LYS A 43 -6.13 -3.01 6.13
CA LYS A 43 -5.68 -3.79 7.27
C LYS A 43 -4.35 -3.25 7.76
N ALA A 44 -3.46 -2.90 6.82
CA ALA A 44 -2.16 -2.34 7.14
C ALA A 44 -2.27 -1.12 8.07
N LEU A 45 -3.02 -0.11 7.63
CA LEU A 45 -3.20 1.11 8.40
C LEU A 45 -4.08 0.89 9.63
N MET A 46 -5.14 0.11 9.46
CA MET A 46 -6.11 -0.12 10.54
C MET A 46 -5.49 -0.91 11.70
N MET A 47 -4.50 -1.73 11.41
CA MET A 47 -3.78 -2.45 12.47
C MET A 47 -2.76 -1.52 13.11
N ARG A 48 -2.57 -0.36 12.51
CA ARG A 48 -1.58 0.60 12.96
C ARG A 48 -2.25 1.83 13.57
N GLY A 49 -3.57 1.86 13.53
CA GLY A 49 -4.32 2.99 14.08
C GLY A 49 -4.38 4.16 13.12
N LEU A 50 -4.18 3.87 11.85
CA LEU A 50 -4.20 4.88 10.81
C LEU A 50 -5.37 4.64 9.87
N ILE A 51 -5.60 5.58 8.97
CA ILE A 51 -6.71 5.49 8.03
C ILE A 51 -6.24 5.71 6.60
N PRO A 52 -6.68 4.83 5.68
CA PRO A 52 -6.34 4.94 4.25
C PRO A 52 -7.02 6.14 3.59
N GLU A 53 -8.09 6.62 4.22
CA GLU A 53 -8.87 7.72 3.70
C GLU A 53 -8.02 8.97 3.49
N CYS A 54 -7.15 9.25 4.44
CA CYS A 54 -6.32 10.43 4.39
C CYS A 54 -4.95 10.11 3.82
N CYS A 55 -4.86 8.97 3.17
CA CYS A 55 -3.58 8.51 2.65
C CYS A 55 -3.67 8.19 1.16
N ALA A 56 -2.50 8.03 0.55
CA ALA A 56 -2.41 7.64 -0.85
C ALA A 56 -1.18 6.76 -1.07
N VAL A 57 -1.20 6.01 -2.15
CA VAL A 57 -0.13 5.06 -2.41
C VAL A 57 0.66 5.44 -3.65
N TYR A 58 1.97 5.29 -3.58
CA TYR A 58 2.84 5.51 -4.72
C TYR A 58 3.78 4.32 -4.90
N ARG A 59 4.12 4.00 -6.14
CA ARG A 59 5.21 3.09 -6.44
C ARG A 59 6.29 3.84 -7.20
N ILE A 60 7.46 3.97 -6.60
CA ILE A 60 8.47 4.87 -7.15
C ILE A 60 9.38 4.11 -8.11
N GLN A 61 9.22 4.38 -9.40
CA GLN A 61 10.08 3.80 -10.41
C GLN A 61 11.34 4.63 -10.56
N ASP A 62 11.86 4.78 -11.78
CA ASP A 62 13.11 5.53 -12.02
C ASP A 62 12.98 6.99 -11.58
N GLY A 63 13.09 7.21 -10.28
CA GLY A 63 12.92 8.53 -9.71
C GLY A 63 11.52 9.07 -9.91
N GLU A 64 10.59 8.18 -10.22
CA GLU A 64 9.23 8.60 -10.52
C GLU A 64 8.25 8.10 -9.48
N LYS A 65 7.41 8.98 -9.02
CA LYS A 65 6.40 8.60 -8.06
C LYS A 65 5.10 8.30 -8.78
N LYS A 66 4.69 7.03 -8.76
CA LYS A 66 3.49 6.61 -9.46
C LYS A 66 2.35 6.44 -8.47
N PRO A 67 1.42 7.41 -8.43
CA PRO A 67 0.28 7.34 -7.53
C PRO A 67 -0.69 6.24 -7.94
N ILE A 68 -0.87 5.30 -7.04
CA ILE A 68 -1.67 4.12 -7.27
C ILE A 68 -3.10 4.32 -6.78
N GLY A 69 -4.01 3.56 -7.36
CA GLY A 69 -5.40 3.58 -6.96
C GLY A 69 -5.67 2.54 -5.90
N TRP A 70 -6.40 2.92 -4.86
CA TRP A 70 -6.71 2.00 -3.79
C TRP A 70 -7.60 0.86 -4.30
N ASP A 71 -8.56 1.21 -5.15
CA ASP A 71 -9.46 0.21 -5.74
C ASP A 71 -8.76 -0.63 -6.81
N THR A 72 -7.47 -0.43 -6.98
CA THR A 72 -6.68 -1.28 -7.85
C THR A 72 -6.31 -2.57 -7.11
N ASP A 73 -6.26 -3.68 -7.83
CA ASP A 73 -5.89 -4.96 -7.23
C ASP A 73 -4.41 -4.94 -6.84
N ILE A 74 -4.12 -5.34 -5.61
CA ILE A 74 -2.77 -5.26 -5.07
C ILE A 74 -1.86 -6.32 -5.69
N SER A 75 -2.46 -7.32 -6.34
CA SER A 75 -1.69 -8.35 -7.01
C SER A 75 -1.02 -7.78 -8.26
N TRP A 76 -1.39 -6.56 -8.63
CA TRP A 76 -0.71 -5.84 -9.69
C TRP A 76 0.63 -5.32 -9.18
N LEU A 77 0.69 -5.11 -7.87
CA LEU A 77 1.84 -4.51 -7.21
C LEU A 77 2.54 -5.54 -6.34
N THR A 78 2.28 -6.81 -6.63
CA THR A 78 2.87 -7.92 -5.90
C THR A 78 4.38 -7.80 -5.80
N GLY A 79 4.83 -7.65 -4.57
CA GLY A 79 6.24 -7.70 -4.28
C GLY A 79 6.94 -6.38 -4.47
N GLU A 80 6.17 -5.35 -4.78
CA GLU A 80 6.72 -4.03 -4.98
C GLU A 80 6.77 -3.28 -3.66
N GLU A 81 7.63 -2.27 -3.57
CA GLU A 81 7.64 -1.42 -2.41
C GLU A 81 6.73 -0.23 -2.65
N LEU A 82 5.63 -0.20 -1.91
CA LEU A 82 4.66 0.88 -2.03
C LEU A 82 4.88 1.90 -0.94
N HIS A 83 4.55 3.13 -1.24
CA HIS A 83 4.70 4.21 -0.29
C HIS A 83 3.35 4.84 0.00
N VAL A 84 2.98 4.84 1.26
CA VAL A 84 1.76 5.47 1.70
C VAL A 84 2.05 6.83 2.31
N GLU A 85 1.52 7.84 1.68
CA GLU A 85 1.71 9.22 2.11
C GLU A 85 0.40 9.73 2.69
N VAL A 86 0.49 10.42 3.80
CA VAL A 86 -0.69 10.97 4.42
C VAL A 86 -0.94 12.39 3.91
N LEU A 87 -2.17 12.59 3.47
CA LEU A 87 -2.60 13.86 2.87
C LEU A 87 -2.82 14.90 3.95
N GLU A 88 -1.75 15.54 4.39
CA GLU A 88 -1.85 16.58 5.39
C GLU A 88 -1.79 17.95 4.75
N ASN A 89 -2.96 18.51 4.51
CA ASN A 89 -3.10 19.86 4.02
C ASN A 89 -4.35 20.48 4.61
N VAL A 90 -4.73 19.96 5.78
CA VAL A 90 -5.95 20.36 6.44
C VAL A 90 -5.67 20.69 7.91
N SER A 11 -3.21 -19.35 -5.60
CA SER A 11 -1.78 -19.11 -5.32
C SER A 11 -1.32 -19.96 -4.14
N PRO A 12 -0.46 -20.96 -4.41
CA PRO A 12 0.06 -21.85 -3.38
C PRO A 12 0.97 -21.12 -2.41
N GLN A 13 1.78 -20.22 -2.95
CA GLN A 13 2.66 -19.41 -2.15
C GLN A 13 2.08 -18.01 -2.03
N LYS A 14 2.14 -17.44 -0.84
CA LYS A 14 1.58 -16.12 -0.59
C LYS A 14 2.67 -15.06 -0.62
N PRO A 15 2.77 -14.30 -1.71
CA PRO A 15 3.74 -13.22 -1.83
C PRO A 15 3.27 -11.99 -1.05
N ILE A 16 4.20 -11.20 -0.58
CA ILE A 16 3.89 -9.99 0.16
C ILE A 16 4.47 -8.76 -0.54
N VAL A 17 3.94 -7.59 -0.22
CA VAL A 17 4.41 -6.34 -0.81
C VAL A 17 4.76 -5.35 0.30
N ARG A 18 5.91 -4.69 0.19
CA ARG A 18 6.47 -3.90 1.30
C ARG A 18 6.12 -2.44 1.19
N VAL A 19 5.13 -2.01 1.97
CA VAL A 19 4.69 -0.64 1.95
C VAL A 19 5.39 0.18 3.02
N PHE A 20 5.35 1.48 2.80
CA PHE A 20 5.92 2.45 3.70
C PHE A 20 4.86 3.46 4.09
N LEU A 21 4.36 3.35 5.31
CA LEU A 21 3.22 4.15 5.75
C LEU A 21 3.71 5.51 6.27
N PRO A 22 2.78 6.42 6.63
CA PRO A 22 3.15 7.74 7.18
C PRO A 22 4.09 7.64 8.38
N ASN A 23 4.77 8.74 8.68
CA ASN A 23 5.71 8.82 9.80
C ASN A 23 6.87 7.86 9.59
N LYS A 24 7.24 7.66 8.32
CA LYS A 24 8.35 6.80 7.93
C LYS A 24 8.17 5.39 8.49
N GLN A 25 6.98 4.84 8.31
CA GLN A 25 6.66 3.51 8.79
C GLN A 25 6.71 2.51 7.64
N ARG A 26 6.71 1.23 7.96
CA ARG A 26 6.75 0.19 6.94
C ARG A 26 5.99 -1.05 7.39
N THR A 27 5.33 -1.70 6.45
CA THR A 27 4.64 -2.95 6.75
C THR A 27 4.50 -3.77 5.48
N VAL A 28 4.42 -5.09 5.60
CA VAL A 28 4.27 -5.93 4.42
C VAL A 28 2.93 -6.61 4.44
N VAL A 29 2.22 -6.48 3.34
CA VAL A 29 0.88 -7.04 3.21
C VAL A 29 0.88 -8.09 2.12
N PRO A 30 0.21 -9.24 2.35
CA PRO A 30 0.10 -10.30 1.36
C PRO A 30 -0.59 -9.82 0.10
N ALA A 31 -0.02 -10.18 -1.04
CA ALA A 31 -0.56 -9.82 -2.33
C ALA A 31 -1.82 -10.61 -2.62
N ARG A 32 -2.90 -10.18 -2.00
CA ARG A 32 -4.18 -10.86 -2.09
C ARG A 32 -4.79 -10.74 -3.48
N CYS A 33 -4.86 -11.86 -4.19
CA CYS A 33 -5.45 -11.87 -5.51
C CYS A 33 -6.97 -11.83 -5.40
N GLY A 34 -7.56 -10.70 -5.80
CA GLY A 34 -8.99 -10.54 -5.67
C GLY A 34 -9.34 -9.55 -4.58
N VAL A 35 -8.33 -8.87 -4.07
CA VAL A 35 -8.51 -7.87 -3.04
C VAL A 35 -7.99 -6.52 -3.53
N THR A 36 -8.73 -5.47 -3.25
CA THR A 36 -8.31 -4.14 -3.64
C THR A 36 -7.27 -3.61 -2.68
N VAL A 37 -6.44 -2.69 -3.16
CA VAL A 37 -5.45 -2.02 -2.32
C VAL A 37 -6.12 -1.54 -1.03
N ARG A 38 -7.34 -1.02 -1.17
CA ARG A 38 -8.12 -0.56 -0.04
C ARG A 38 -8.17 -1.58 1.08
N ASP A 39 -8.55 -2.81 0.76
CA ASP A 39 -8.78 -3.82 1.81
C ASP A 39 -7.47 -4.32 2.40
N SER A 40 -6.52 -4.61 1.53
CA SER A 40 -5.23 -5.14 1.94
C SER A 40 -4.43 -4.08 2.73
N LEU A 41 -4.45 -2.85 2.24
CA LEU A 41 -3.78 -1.75 2.91
C LEU A 41 -4.61 -1.29 4.11
N LYS A 42 -5.89 -1.60 4.09
CA LYS A 42 -6.77 -1.29 5.21
C LYS A 42 -6.23 -1.96 6.45
N LYS A 43 -5.93 -3.25 6.32
CA LYS A 43 -5.32 -3.98 7.42
C LYS A 43 -3.99 -3.34 7.79
N ALA A 44 -3.17 -3.04 6.78
CA ALA A 44 -1.87 -2.41 6.98
C ALA A 44 -1.97 -1.15 7.85
N LEU A 45 -2.79 -0.21 7.43
CA LEU A 45 -2.97 1.06 8.13
C LEU A 45 -3.75 0.88 9.43
N MET A 46 -4.81 0.09 9.39
CA MET A 46 -5.68 -0.10 10.56
C MET A 46 -4.96 -0.81 11.70
N MET A 47 -3.95 -1.62 11.37
CA MET A 47 -3.12 -2.23 12.41
C MET A 47 -2.14 -1.20 12.95
N ARG A 48 -1.91 -0.16 12.17
CA ARG A 48 -0.91 0.84 12.48
C ARG A 48 -1.56 2.14 12.94
N GLY A 49 -2.84 2.07 13.33
CA GLY A 49 -3.55 3.23 13.83
C GLY A 49 -3.68 4.32 12.77
N LEU A 50 -3.85 3.92 11.54
CA LEU A 50 -3.91 4.83 10.42
C LEU A 50 -5.16 4.55 9.58
N ILE A 51 -5.47 5.43 8.65
CA ILE A 51 -6.61 5.25 7.78
C ILE A 51 -6.26 5.48 6.32
N PRO A 52 -6.73 4.59 5.42
CA PRO A 52 -6.45 4.66 3.98
C PRO A 52 -7.08 5.88 3.33
N GLU A 53 -8.12 6.40 3.95
CA GLU A 53 -8.87 7.52 3.40
C GLU A 53 -8.07 8.81 3.43
N CYS A 54 -7.06 8.85 4.28
CA CYS A 54 -6.21 10.02 4.40
C CYS A 54 -4.81 9.69 3.88
N CYS A 55 -4.75 8.71 2.99
CA CYS A 55 -3.48 8.22 2.49
C CYS A 55 -3.56 7.91 0.99
N ALA A 56 -2.40 7.72 0.36
CA ALA A 56 -2.33 7.34 -1.04
C ALA A 56 -1.12 6.43 -1.27
N VAL A 57 -1.20 5.60 -2.31
CA VAL A 57 -0.14 4.63 -2.58
C VAL A 57 0.64 5.02 -3.83
N TYR A 58 1.97 5.03 -3.73
CA TYR A 58 2.84 5.35 -4.86
C TYR A 58 3.95 4.30 -5.00
N ARG A 59 4.43 4.13 -6.22
CA ARG A 59 5.66 3.36 -6.46
C ARG A 59 6.73 4.29 -7.01
N ILE A 60 7.77 4.53 -6.22
CA ILE A 60 8.77 5.50 -6.62
C ILE A 60 9.92 4.81 -7.34
N GLN A 61 9.98 5.00 -8.64
CA GLN A 61 11.09 4.56 -9.45
C GLN A 61 12.15 5.68 -9.47
N ASP A 62 12.87 5.83 -10.58
CA ASP A 62 13.93 6.85 -10.69
C ASP A 62 13.40 8.27 -10.44
N GLY A 63 13.23 8.60 -9.17
CA GLY A 63 12.72 9.89 -8.79
C GLY A 63 11.30 10.13 -9.29
N GLU A 64 10.61 9.06 -9.65
CA GLU A 64 9.25 9.20 -10.17
C GLU A 64 8.27 8.38 -9.34
N LYS A 65 7.16 9.00 -8.99
CA LYS A 65 6.18 8.37 -8.13
C LYS A 65 5.00 7.87 -8.97
N LYS A 66 4.64 6.59 -8.84
CA LYS A 66 3.53 6.06 -9.58
C LYS A 66 2.33 5.96 -8.65
N PRO A 67 1.39 6.92 -8.71
CA PRO A 67 0.23 6.91 -7.85
C PRO A 67 -0.74 5.81 -8.24
N ILE A 68 -1.08 5.01 -7.26
CA ILE A 68 -1.88 3.83 -7.48
C ILE A 68 -3.29 4.02 -6.93
N GLY A 69 -4.25 3.37 -7.57
CA GLY A 69 -5.62 3.50 -7.16
C GLY A 69 -5.96 2.55 -6.03
N TRP A 70 -6.67 3.05 -5.03
CA TRP A 70 -7.04 2.25 -3.89
C TRP A 70 -7.99 1.13 -4.31
N ASP A 71 -8.75 1.34 -5.37
CA ASP A 71 -9.65 0.31 -5.88
C ASP A 71 -8.95 -0.56 -6.92
N THR A 72 -7.64 -0.43 -7.00
CA THR A 72 -6.85 -1.31 -7.85
C THR A 72 -6.52 -2.57 -7.04
N ASP A 73 -6.28 -3.67 -7.72
CA ASP A 73 -5.93 -4.91 -7.03
C ASP A 73 -4.46 -4.87 -6.61
N ILE A 74 -4.20 -5.22 -5.35
CA ILE A 74 -2.85 -5.20 -4.82
C ILE A 74 -1.99 -6.30 -5.43
N SER A 75 -2.62 -7.24 -6.13
CA SER A 75 -1.89 -8.26 -6.86
C SER A 75 -1.09 -7.63 -8.01
N TRP A 76 -1.47 -6.42 -8.39
CA TRP A 76 -0.72 -5.66 -9.40
C TRP A 76 0.52 -5.05 -8.77
N LEU A 77 0.53 -5.03 -7.44
CA LEU A 77 1.62 -4.44 -6.68
C LEU A 77 2.37 -5.52 -5.92
N THR A 78 2.17 -6.77 -6.33
CA THR A 78 2.78 -7.93 -5.69
C THR A 78 4.28 -7.79 -5.56
N GLY A 79 4.71 -7.78 -4.31
CA GLY A 79 6.11 -7.80 -4.01
C GLY A 79 6.80 -6.47 -4.28
N GLU A 80 6.01 -5.47 -4.59
CA GLU A 80 6.55 -4.12 -4.83
C GLU A 80 6.70 -3.40 -3.50
N GLU A 81 7.68 -2.53 -3.43
CA GLU A 81 7.80 -1.65 -2.28
C GLU A 81 6.93 -0.43 -2.53
N LEU A 82 5.85 -0.34 -1.79
CA LEU A 82 4.90 0.74 -1.98
C LEU A 82 5.13 1.83 -0.97
N HIS A 83 4.83 3.04 -1.33
CA HIS A 83 5.03 4.18 -0.44
C HIS A 83 3.71 4.91 -0.27
N VAL A 84 3.28 5.04 0.97
CA VAL A 84 2.05 5.72 1.26
C VAL A 84 2.33 7.14 1.74
N GLU A 85 1.48 8.05 1.36
CA GLU A 85 1.65 9.46 1.67
C GLU A 85 0.44 9.94 2.46
N VAL A 86 0.65 10.94 3.30
CA VAL A 86 -0.42 11.45 4.14
C VAL A 86 -1.15 12.56 3.41
N LEU A 87 -2.43 12.34 3.12
CA LEU A 87 -3.24 13.34 2.44
C LEU A 87 -3.62 14.44 3.41
N GLU A 88 -2.77 15.45 3.52
CA GLU A 88 -2.99 16.56 4.44
C GLU A 88 -3.20 17.84 3.66
N ASN A 89 -4.46 18.19 3.46
CA ASN A 89 -4.79 19.44 2.78
C ASN A 89 -5.64 20.31 3.70
N VAL A 90 -5.02 20.85 4.72
CA VAL A 90 -5.69 21.68 5.70
C VAL A 90 -6.31 22.93 5.06
N SER A 11 -0.21 -18.81 -6.51
CA SER A 11 0.88 -19.26 -5.61
C SER A 11 0.31 -19.78 -4.29
N PRO A 12 0.71 -20.99 -3.89
CA PRO A 12 0.31 -21.58 -2.60
C PRO A 12 0.76 -20.74 -1.42
N GLN A 13 1.87 -20.03 -1.60
CA GLN A 13 2.34 -19.07 -0.63
C GLN A 13 1.87 -17.68 -1.00
N LYS A 14 1.48 -16.88 -0.02
CA LYS A 14 1.04 -15.52 -0.29
C LYS A 14 2.23 -14.58 -0.28
N PRO A 15 2.55 -14.00 -1.45
CA PRO A 15 3.60 -12.99 -1.56
C PRO A 15 3.22 -11.74 -0.77
N ILE A 16 4.16 -10.84 -0.57
CA ILE A 16 3.91 -9.67 0.25
C ILE A 16 4.36 -8.38 -0.45
N VAL A 17 3.76 -7.28 -0.04
CA VAL A 17 4.04 -5.98 -0.63
C VAL A 17 4.49 -5.00 0.46
N ARG A 18 5.66 -4.41 0.27
CA ARG A 18 6.31 -3.64 1.33
C ARG A 18 5.88 -2.19 1.31
N VAL A 19 4.89 -1.89 2.14
CA VAL A 19 4.31 -0.56 2.19
C VAL A 19 4.93 0.29 3.27
N PHE A 20 5.32 1.47 2.89
CA PHE A 20 5.82 2.46 3.84
C PHE A 20 4.67 3.36 4.26
N LEU A 21 4.14 3.14 5.46
CA LEU A 21 2.96 3.86 5.92
C LEU A 21 3.37 5.23 6.48
N PRO A 22 2.41 6.08 6.89
CA PRO A 22 2.70 7.40 7.47
C PRO A 22 3.76 7.35 8.58
N ASN A 23 4.46 8.46 8.77
CA ASN A 23 5.57 8.52 9.73
C ASN A 23 6.71 7.62 9.27
N LYS A 24 6.76 7.43 7.95
CA LYS A 24 7.77 6.59 7.31
C LYS A 24 7.80 5.18 7.92
N GLN A 25 6.63 4.67 8.27
CA GLN A 25 6.50 3.31 8.77
C GLN A 25 6.63 2.34 7.62
N ARG A 26 6.73 1.05 7.91
CA ARG A 26 6.70 0.05 6.85
C ARG A 26 6.09 -1.25 7.34
N THR A 27 5.25 -1.84 6.51
CA THR A 27 4.61 -3.10 6.81
C THR A 27 4.45 -3.87 5.50
N VAL A 28 4.38 -5.19 5.56
CA VAL A 28 4.20 -5.94 4.33
C VAL A 28 2.85 -6.63 4.34
N VAL A 29 2.09 -6.41 3.28
CA VAL A 29 0.78 -6.99 3.14
C VAL A 29 0.80 -8.12 2.15
N PRO A 30 0.12 -9.22 2.41
CA PRO A 30 0.05 -10.33 1.48
C PRO A 30 -0.67 -9.91 0.21
N ALA A 31 0.00 -10.12 -0.91
CA ALA A 31 -0.53 -9.75 -2.21
C ALA A 31 -1.68 -10.68 -2.58
N ARG A 32 -2.86 -10.31 -2.13
CA ARG A 32 -4.05 -11.12 -2.27
C ARG A 32 -4.63 -10.99 -3.67
N CYS A 33 -4.56 -12.07 -4.44
CA CYS A 33 -5.06 -12.07 -5.80
C CYS A 33 -6.59 -11.95 -5.81
N GLY A 34 -7.06 -10.80 -6.26
CA GLY A 34 -8.49 -10.56 -6.31
C GLY A 34 -8.95 -9.60 -5.25
N VAL A 35 -8.01 -8.99 -4.54
CA VAL A 35 -8.35 -8.00 -3.53
C VAL A 35 -7.78 -6.64 -3.93
N THR A 36 -8.45 -5.58 -3.53
CA THR A 36 -8.00 -4.24 -3.84
C THR A 36 -7.00 -3.74 -2.82
N VAL A 37 -6.12 -2.85 -3.25
CA VAL A 37 -5.12 -2.25 -2.37
C VAL A 37 -5.77 -1.73 -1.09
N ARG A 38 -6.94 -1.11 -1.24
CA ARG A 38 -7.70 -0.60 -0.11
C ARG A 38 -7.88 -1.64 0.98
N ASP A 39 -8.30 -2.85 0.60
CA ASP A 39 -8.61 -3.88 1.58
C ASP A 39 -7.35 -4.35 2.30
N SER A 40 -6.32 -4.67 1.52
CA SER A 40 -5.08 -5.20 2.07
C SER A 40 -4.38 -4.15 2.91
N LEU A 41 -4.31 -2.93 2.39
CA LEU A 41 -3.66 -1.84 3.11
C LEU A 41 -4.53 -1.38 4.26
N LYS A 42 -5.83 -1.56 4.14
CA LYS A 42 -6.72 -1.23 5.25
C LYS A 42 -6.27 -1.97 6.49
N LYS A 43 -5.97 -3.24 6.33
CA LYS A 43 -5.43 -4.01 7.44
C LYS A 43 -4.13 -3.39 7.92
N ALA A 44 -3.29 -3.00 6.96
CA ALA A 44 -2.02 -2.35 7.25
C ALA A 44 -2.20 -1.10 8.15
N LEU A 45 -2.94 -0.11 7.65
CA LEU A 45 -3.22 1.11 8.39
C LEU A 45 -3.94 0.81 9.69
N MET A 46 -5.03 0.05 9.57
CA MET A 46 -5.93 -0.24 10.70
C MET A 46 -5.20 -0.92 11.85
N MET A 47 -4.33 -1.88 11.56
CA MET A 47 -3.57 -2.57 12.61
C MET A 47 -2.52 -1.63 13.19
N ARG A 48 -2.36 -0.48 12.56
CA ARG A 48 -1.35 0.49 12.98
C ARG A 48 -1.99 1.77 13.51
N GLY A 49 -3.32 1.77 13.62
CA GLY A 49 -4.03 2.93 14.13
C GLY A 49 -4.07 4.06 13.12
N LEU A 50 -3.89 3.72 11.86
CA LEU A 50 -3.85 4.67 10.78
C LEU A 50 -5.09 4.51 9.90
N ILE A 51 -5.28 5.41 8.95
CA ILE A 51 -6.40 5.32 8.04
C ILE A 51 -5.96 5.49 6.58
N PRO A 52 -6.35 4.53 5.72
CA PRO A 52 -6.05 4.58 4.28
C PRO A 52 -6.74 5.74 3.57
N GLU A 53 -7.81 6.24 4.19
CA GLU A 53 -8.66 7.25 3.58
C GLU A 53 -7.88 8.53 3.29
N CYS A 54 -7.08 8.98 4.24
CA CYS A 54 -6.32 10.21 4.09
C CYS A 54 -4.89 9.89 3.65
N CYS A 55 -4.76 8.88 2.80
CA CYS A 55 -3.46 8.43 2.35
C CYS A 55 -3.49 8.12 0.85
N ALA A 56 -2.32 8.14 0.23
CA ALA A 56 -2.18 7.75 -1.17
C ALA A 56 -1.03 6.77 -1.32
N VAL A 57 -1.13 5.90 -2.32
CA VAL A 57 -0.11 4.89 -2.55
C VAL A 57 0.75 5.26 -3.75
N TYR A 58 2.07 5.18 -3.59
CA TYR A 58 2.99 5.44 -4.68
C TYR A 58 3.95 4.29 -4.86
N ARG A 59 4.27 3.97 -6.10
CA ARG A 59 5.39 3.12 -6.41
C ARG A 59 6.38 3.92 -7.23
N ILE A 60 7.53 4.20 -6.65
CA ILE A 60 8.44 5.17 -7.25
C ILE A 60 9.23 4.50 -8.37
N GLN A 61 8.85 4.81 -9.60
CA GLN A 61 9.55 4.30 -10.77
C GLN A 61 10.83 5.10 -10.98
N ASP A 62 11.24 5.28 -12.23
CA ASP A 62 12.49 5.98 -12.58
C ASP A 62 12.54 7.39 -11.98
N GLY A 63 12.88 7.44 -10.70
CA GLY A 63 12.96 8.71 -9.99
C GLY A 63 11.64 9.45 -9.94
N GLU A 64 10.55 8.75 -10.20
CA GLU A 64 9.25 9.40 -10.24
C GLU A 64 8.25 8.68 -9.37
N LYS A 65 7.51 9.45 -8.59
CA LYS A 65 6.53 8.88 -7.68
C LYS A 65 5.27 8.55 -8.45
N LYS A 66 5.00 7.26 -8.58
CA LYS A 66 3.89 6.79 -9.39
C LYS A 66 2.69 6.50 -8.51
N PRO A 67 1.69 7.40 -8.50
CA PRO A 67 0.52 7.24 -7.65
C PRO A 67 -0.39 6.11 -8.14
N ILE A 68 -0.71 5.24 -7.21
CA ILE A 68 -1.53 4.08 -7.44
C ILE A 68 -2.93 4.32 -6.90
N GLY A 69 -3.89 3.52 -7.34
CA GLY A 69 -5.23 3.63 -6.84
C GLY A 69 -5.48 2.65 -5.72
N TRP A 70 -6.31 3.04 -4.77
CA TRP A 70 -6.69 2.14 -3.69
C TRP A 70 -7.66 1.09 -4.21
N ASP A 71 -8.28 1.38 -5.36
CA ASP A 71 -9.17 0.43 -6.02
C ASP A 71 -8.37 -0.49 -6.94
N THR A 72 -7.09 -0.21 -7.06
CA THR A 72 -6.20 -1.06 -7.83
C THR A 72 -6.02 -2.39 -7.10
N ASP A 73 -5.83 -3.46 -7.84
CA ASP A 73 -5.57 -4.76 -7.25
C ASP A 73 -4.12 -4.80 -6.77
N ILE A 74 -3.91 -5.20 -5.52
CA ILE A 74 -2.58 -5.19 -4.93
C ILE A 74 -1.69 -6.26 -5.57
N SER A 75 -2.31 -7.21 -6.26
CA SER A 75 -1.56 -8.25 -6.96
C SER A 75 -0.76 -7.66 -8.13
N TRP A 76 -1.18 -6.49 -8.58
CA TRP A 76 -0.48 -5.79 -9.65
C TRP A 76 0.81 -5.18 -9.12
N LEU A 77 0.88 -5.06 -7.81
CA LEU A 77 1.99 -4.43 -7.12
C LEU A 77 2.71 -5.45 -6.23
N THR A 78 2.44 -6.72 -6.52
CA THR A 78 3.03 -7.83 -5.78
C THR A 78 4.54 -7.70 -5.64
N GLY A 79 4.97 -7.50 -4.41
CA GLY A 79 6.37 -7.56 -4.09
C GLY A 79 7.09 -6.24 -4.30
N GLU A 80 6.34 -5.20 -4.61
CA GLU A 80 6.91 -3.88 -4.76
C GLU A 80 6.89 -3.13 -3.44
N GLU A 81 7.75 -2.13 -3.32
CA GLU A 81 7.73 -1.27 -2.16
C GLU A 81 6.80 -0.08 -2.44
N LEU A 82 5.67 -0.05 -1.75
CA LEU A 82 4.68 0.99 -1.97
C LEU A 82 4.66 2.00 -0.84
N HIS A 83 4.65 3.27 -1.17
CA HIS A 83 4.69 4.32 -0.17
C HIS A 83 3.31 4.91 0.04
N VAL A 84 2.83 4.88 1.28
CA VAL A 84 1.54 5.46 1.63
C VAL A 84 1.76 6.75 2.40
N GLU A 85 1.38 7.86 1.77
CA GLU A 85 1.63 9.19 2.30
C GLU A 85 0.34 9.84 2.76
N VAL A 86 0.42 10.62 3.84
CA VAL A 86 -0.76 11.29 4.37
C VAL A 86 -1.12 12.51 3.54
N LEU A 87 -2.38 12.60 3.16
CA LEU A 87 -2.88 13.74 2.41
C LEU A 87 -3.19 14.91 3.33
N GLU A 88 -2.18 15.66 3.70
CA GLU A 88 -2.36 16.83 4.53
C GLU A 88 -2.58 18.04 3.63
N ASN A 89 -3.84 18.35 3.40
CA ASN A 89 -4.20 19.49 2.59
C ASN A 89 -4.92 20.51 3.46
N VAL A 90 -4.15 21.24 4.25
CA VAL A 90 -4.71 22.19 5.19
C VAL A 90 -4.55 23.62 4.68
N SER A 11 1.60 -23.99 4.85
CA SER A 11 1.08 -22.65 4.50
C SER A 11 1.34 -22.34 3.03
N PRO A 12 0.29 -21.91 2.31
CA PRO A 12 0.41 -21.52 0.89
C PRO A 12 1.36 -20.34 0.71
N GLN A 13 2.17 -20.42 -0.34
CA GLN A 13 3.16 -19.38 -0.63
C GLN A 13 2.48 -18.06 -0.94
N LYS A 14 2.65 -17.10 -0.06
CA LYS A 14 2.04 -15.79 -0.24
C LYS A 14 3.11 -14.74 -0.52
N PRO A 15 2.98 -14.02 -1.65
CA PRO A 15 3.87 -12.91 -1.95
C PRO A 15 3.40 -11.64 -1.23
N ILE A 16 4.32 -10.74 -0.95
CA ILE A 16 4.00 -9.54 -0.20
C ILE A 16 4.55 -8.29 -0.89
N VAL A 17 4.01 -7.12 -0.54
CA VAL A 17 4.50 -5.85 -1.09
C VAL A 17 4.76 -4.85 0.05
N ARG A 18 5.90 -4.17 -0.01
CA ARG A 18 6.40 -3.38 1.14
C ARG A 18 5.99 -1.92 1.03
N VAL A 19 4.99 -1.54 1.80
CA VAL A 19 4.47 -0.19 1.78
C VAL A 19 5.05 0.66 2.88
N PHE A 20 5.40 1.89 2.52
CA PHE A 20 5.90 2.86 3.48
C PHE A 20 4.76 3.74 3.99
N LEU A 21 4.33 3.50 5.21
CA LEU A 21 3.22 4.23 5.79
C LEU A 21 3.74 5.57 6.34
N PRO A 22 2.84 6.49 6.74
CA PRO A 22 3.23 7.80 7.28
C PRO A 22 4.16 7.69 8.48
N ASN A 23 4.93 8.75 8.73
CA ASN A 23 5.89 8.78 9.83
C ASN A 23 7.02 7.79 9.60
N LYS A 24 7.43 7.67 8.33
CA LYS A 24 8.55 6.80 7.94
C LYS A 24 8.34 5.37 8.42
N GLN A 25 7.17 4.83 8.15
CA GLN A 25 6.84 3.47 8.52
C GLN A 25 6.88 2.56 7.32
N ARG A 26 6.99 1.26 7.53
CA ARG A 26 6.91 0.30 6.45
C ARG A 26 6.28 -1.00 6.91
N THR A 27 5.43 -1.55 6.09
CA THR A 27 4.76 -2.81 6.38
C THR A 27 4.67 -3.63 5.12
N VAL A 28 4.54 -4.93 5.25
CA VAL A 28 4.35 -5.73 4.06
C VAL A 28 3.04 -6.47 4.14
N VAL A 29 2.26 -6.32 3.09
CA VAL A 29 0.96 -6.93 3.00
C VAL A 29 0.96 -7.95 1.87
N PRO A 30 0.40 -9.13 2.11
CA PRO A 30 0.30 -10.18 1.09
C PRO A 30 -0.48 -9.68 -0.13
N ALA A 31 0.09 -9.92 -1.29
CA ALA A 31 -0.49 -9.48 -2.54
C ALA A 31 -1.74 -10.29 -2.88
N ARG A 32 -2.81 -9.97 -2.18
CA ARG A 32 -4.07 -10.68 -2.30
C ARG A 32 -4.68 -10.52 -3.69
N CYS A 33 -4.72 -11.60 -4.44
CA CYS A 33 -5.37 -11.61 -5.74
C CYS A 33 -6.88 -11.68 -5.54
N GLY A 34 -7.57 -10.59 -5.85
CA GLY A 34 -8.99 -10.52 -5.59
C GLY A 34 -9.29 -9.54 -4.49
N VAL A 35 -8.29 -8.77 -4.11
CA VAL A 35 -8.43 -7.75 -3.09
C VAL A 35 -7.81 -6.44 -3.56
N THR A 36 -8.50 -5.34 -3.29
CA THR A 36 -8.02 -4.05 -3.70
C THR A 36 -6.99 -3.51 -2.72
N VAL A 37 -6.19 -2.55 -3.18
CA VAL A 37 -5.28 -1.82 -2.31
C VAL A 37 -6.05 -1.26 -1.12
N ARG A 38 -7.32 -0.95 -1.33
CA ARG A 38 -8.22 -0.52 -0.27
C ARG A 38 -8.23 -1.52 0.88
N ASP A 39 -8.59 -2.76 0.58
CA ASP A 39 -8.74 -3.77 1.63
C ASP A 39 -7.38 -4.24 2.14
N SER A 40 -6.47 -4.46 1.23
CA SER A 40 -5.15 -4.95 1.54
C SER A 40 -4.40 -3.99 2.46
N LEU A 41 -4.24 -2.76 2.02
CA LEU A 41 -3.56 -1.76 2.83
C LEU A 41 -4.47 -1.24 3.92
N LYS A 42 -5.76 -1.56 3.85
CA LYS A 42 -6.63 -1.25 4.97
C LYS A 42 -6.08 -1.95 6.18
N LYS A 43 -5.73 -3.21 6.01
CA LYS A 43 -5.09 -3.97 7.09
C LYS A 43 -3.79 -3.28 7.49
N ALA A 44 -3.01 -2.87 6.49
CA ALA A 44 -1.73 -2.20 6.74
C ALA A 44 -1.85 -1.01 7.72
N LEU A 45 -2.74 -0.08 7.43
CA LEU A 45 -2.96 1.10 8.27
C LEU A 45 -3.78 0.78 9.50
N MET A 46 -4.79 -0.07 9.31
CA MET A 46 -5.69 -0.44 10.42
C MET A 46 -4.94 -1.17 11.52
N MET A 47 -3.87 -1.87 11.17
CA MET A 47 -3.01 -2.51 12.17
C MET A 47 -2.10 -1.47 12.81
N ARG A 48 -2.14 -0.26 12.28
CA ARG A 48 -1.31 0.83 12.76
C ARG A 48 -2.16 1.93 13.39
N GLY A 49 -3.46 1.72 13.43
CA GLY A 49 -4.35 2.72 13.99
C GLY A 49 -4.52 3.91 13.06
N LEU A 50 -4.30 3.68 11.78
CA LEU A 50 -4.42 4.72 10.78
C LEU A 50 -5.56 4.40 9.82
N ILE A 51 -6.15 5.43 9.24
CA ILE A 51 -7.20 5.24 8.26
C ILE A 51 -6.70 5.59 6.86
N PRO A 52 -6.90 4.68 5.90
CA PRO A 52 -6.46 4.88 4.50
C PRO A 52 -7.25 5.98 3.80
N GLU A 53 -8.28 6.48 4.48
CA GLU A 53 -9.18 7.47 3.89
C GLU A 53 -8.53 8.85 3.84
N CYS A 54 -7.41 8.98 4.49
CA CYS A 54 -6.64 10.21 4.46
C CYS A 54 -5.21 9.90 4.05
N CYS A 55 -5.07 8.90 3.19
CA CYS A 55 -3.76 8.48 2.71
C CYS A 55 -3.85 8.05 1.25
N ALA A 56 -2.73 8.06 0.58
CA ALA A 56 -2.67 7.63 -0.82
C ALA A 56 -1.46 6.75 -1.06
N VAL A 57 -1.52 5.96 -2.13
CA VAL A 57 -0.49 4.98 -2.41
C VAL A 57 0.29 5.33 -3.67
N TYR A 58 1.59 5.15 -3.61
CA TYR A 58 2.47 5.29 -4.77
C TYR A 58 3.36 4.07 -4.88
N ARG A 59 3.92 3.85 -6.04
CA ARG A 59 5.03 2.92 -6.18
C ARG A 59 6.17 3.65 -6.85
N ILE A 60 7.34 3.59 -6.25
CA ILE A 60 8.47 4.36 -6.73
C ILE A 60 9.28 3.55 -7.73
N GLN A 61 9.26 3.99 -8.98
CA GLN A 61 10.12 3.44 -10.00
C GLN A 61 11.43 4.21 -9.97
N ASP A 62 12.11 4.32 -11.11
CA ASP A 62 13.41 4.98 -11.18
C ASP A 62 13.36 6.43 -10.71
N GLY A 63 13.36 6.61 -9.39
CA GLY A 63 13.32 7.92 -8.79
C GLY A 63 12.03 8.66 -9.07
N GLU A 64 10.99 7.94 -9.49
CA GLU A 64 9.71 8.60 -9.78
C GLU A 64 8.54 7.89 -9.13
N LYS A 65 7.55 8.68 -8.73
CA LYS A 65 6.41 8.20 -7.98
C LYS A 65 5.26 7.85 -8.91
N LYS A 66 4.77 6.63 -8.81
CA LYS A 66 3.62 6.22 -9.59
C LYS A 66 2.42 6.02 -8.68
N PRO A 67 1.49 6.99 -8.65
CA PRO A 67 0.30 6.91 -7.79
C PRO A 67 -0.55 5.69 -8.13
N ILE A 68 -0.85 4.93 -7.10
CA ILE A 68 -1.64 3.70 -7.24
C ILE A 68 -3.11 4.03 -7.05
N GLY A 69 -3.96 3.17 -7.55
CA GLY A 69 -5.38 3.30 -7.31
C GLY A 69 -5.81 2.42 -6.16
N TRP A 70 -6.56 2.97 -5.22
CA TRP A 70 -7.00 2.20 -4.06
C TRP A 70 -7.88 1.02 -4.50
N ASP A 71 -8.65 1.21 -5.55
CA ASP A 71 -9.54 0.16 -6.05
C ASP A 71 -8.81 -0.76 -7.01
N THR A 72 -7.50 -0.56 -7.14
CA THR A 72 -6.68 -1.45 -7.92
C THR A 72 -6.31 -2.68 -7.10
N ASP A 73 -6.26 -3.83 -7.75
CA ASP A 73 -5.88 -5.07 -7.08
C ASP A 73 -4.41 -5.01 -6.69
N ILE A 74 -4.13 -5.33 -5.43
CA ILE A 74 -2.78 -5.22 -4.89
C ILE A 74 -1.82 -6.23 -5.54
N SER A 75 -2.37 -7.25 -6.20
CA SER A 75 -1.56 -8.22 -6.91
C SER A 75 -0.88 -7.57 -8.12
N TRP A 76 -1.35 -6.39 -8.49
CA TRP A 76 -0.73 -5.62 -9.56
C TRP A 76 0.56 -4.97 -9.06
N LEU A 77 0.65 -4.86 -7.74
CA LEU A 77 1.76 -4.16 -7.10
C LEU A 77 2.57 -5.15 -6.28
N THR A 78 2.43 -6.43 -6.63
CA THR A 78 3.08 -7.52 -5.91
C THR A 78 4.59 -7.31 -5.80
N GLY A 79 5.02 -7.25 -4.56
CA GLY A 79 6.43 -7.26 -4.26
C GLY A 79 7.13 -5.94 -4.54
N GLU A 80 6.35 -4.92 -4.83
CA GLU A 80 6.89 -3.58 -5.01
C GLU A 80 6.95 -2.87 -3.68
N GLU A 81 7.77 -1.84 -3.59
CA GLU A 81 7.77 -0.99 -2.42
C GLU A 81 6.81 0.17 -2.67
N LEU A 82 5.70 0.16 -1.97
CA LEU A 82 4.70 1.19 -2.13
C LEU A 82 4.88 2.27 -1.07
N HIS A 83 4.31 3.41 -1.31
CA HIS A 83 4.37 4.51 -0.37
C HIS A 83 2.98 5.00 -0.04
N VAL A 84 2.66 4.97 1.23
CA VAL A 84 1.43 5.51 1.72
C VAL A 84 1.69 6.88 2.32
N GLU A 85 1.14 7.89 1.68
CA GLU A 85 1.36 9.26 2.08
C GLU A 85 0.09 9.79 2.72
N VAL A 86 0.22 10.35 3.90
CA VAL A 86 -0.93 10.88 4.60
C VAL A 86 -1.28 12.26 4.06
N LEU A 87 -2.54 12.43 3.72
CA LEU A 87 -3.04 13.66 3.12
C LEU A 87 -3.11 14.79 4.14
N GLU A 88 -1.99 15.43 4.37
CA GLU A 88 -1.93 16.57 5.25
C GLU A 88 -1.83 17.85 4.44
N ASN A 89 -2.97 18.48 4.22
CA ASN A 89 -3.07 19.73 3.47
C ASN A 89 -2.49 19.54 2.06
N VAL A 90 -3.12 18.66 1.29
CA VAL A 90 -2.70 18.41 -0.08
C VAL A 90 -3.90 18.41 -1.02
N SER A 11 5.27 -25.61 0.33
CA SER A 11 4.46 -24.60 1.04
C SER A 11 4.17 -23.41 0.15
N PRO A 12 2.88 -23.17 -0.15
CA PRO A 12 2.45 -22.02 -0.97
C PRO A 12 2.73 -20.69 -0.28
N GLN A 13 3.93 -20.17 -0.46
CA GLN A 13 4.30 -18.89 0.12
C GLN A 13 3.58 -17.76 -0.59
N LYS A 14 2.70 -17.09 0.14
CA LYS A 14 1.93 -15.99 -0.41
C LYS A 14 2.76 -14.71 -0.36
N PRO A 15 3.00 -14.08 -1.52
CA PRO A 15 3.85 -12.89 -1.63
C PRO A 15 3.33 -11.73 -0.79
N ILE A 16 4.21 -10.76 -0.54
CA ILE A 16 3.90 -9.61 0.30
C ILE A 16 4.33 -8.31 -0.37
N VAL A 17 3.80 -7.20 0.11
CA VAL A 17 4.08 -5.88 -0.47
C VAL A 17 4.53 -4.90 0.63
N ARG A 18 5.73 -4.36 0.49
CA ARG A 18 6.35 -3.53 1.53
C ARG A 18 5.93 -2.08 1.41
N VAL A 19 4.89 -1.73 2.14
CA VAL A 19 4.34 -0.40 2.10
C VAL A 19 4.92 0.47 3.19
N PHE A 20 5.27 1.68 2.80
CA PHE A 20 5.75 2.69 3.73
C PHE A 20 4.58 3.51 4.25
N LEU A 21 4.16 3.26 5.47
CA LEU A 21 3.01 3.99 6.05
C LEU A 21 3.47 5.38 6.47
N PRO A 22 2.55 6.27 6.91
CA PRO A 22 2.90 7.63 7.35
C PRO A 22 4.05 7.64 8.36
N ASN A 23 4.77 8.76 8.42
CA ASN A 23 5.97 8.89 9.24
C ASN A 23 7.08 7.99 8.67
N LYS A 24 6.87 7.54 7.44
CA LYS A 24 7.78 6.63 6.75
C LYS A 24 7.96 5.35 7.54
N GLN A 25 6.83 4.76 7.92
CA GLN A 25 6.81 3.45 8.54
C GLN A 25 6.77 2.38 7.44
N ARG A 26 6.77 1.11 7.79
CA ARG A 26 6.65 0.06 6.79
C ARG A 26 5.90 -1.15 7.31
N THR A 27 5.08 -1.73 6.46
CA THR A 27 4.40 -2.97 6.77
C THR A 27 4.28 -3.77 5.47
N VAL A 28 4.28 -5.09 5.57
CA VAL A 28 4.14 -5.88 4.37
C VAL A 28 2.81 -6.61 4.38
N VAL A 29 2.06 -6.44 3.31
CA VAL A 29 0.76 -7.07 3.19
C VAL A 29 0.84 -8.17 2.15
N PRO A 30 0.35 -9.38 2.48
CA PRO A 30 0.29 -10.45 1.51
C PRO A 30 -0.49 -10.01 0.28
N ALA A 31 0.19 -10.01 -0.87
CA ALA A 31 -0.38 -9.51 -2.10
C ALA A 31 -1.62 -10.31 -2.48
N ARG A 32 -2.74 -9.64 -2.48
CA ARG A 32 -4.03 -10.29 -2.67
C ARG A 32 -4.58 -10.07 -4.07
N CYS A 33 -4.65 -11.14 -4.84
CA CYS A 33 -5.21 -11.09 -6.18
C CYS A 33 -6.74 -11.08 -6.08
N GLY A 34 -7.34 -9.97 -6.45
CA GLY A 34 -8.79 -9.85 -6.35
C GLY A 34 -9.18 -8.83 -5.31
N VAL A 35 -8.22 -8.42 -4.50
CA VAL A 35 -8.44 -7.39 -3.51
C VAL A 35 -7.74 -6.11 -3.95
N THR A 36 -8.36 -4.99 -3.65
CA THR A 36 -7.78 -3.70 -3.96
C THR A 36 -6.84 -3.27 -2.86
N VAL A 37 -5.93 -2.34 -3.15
CA VAL A 37 -5.05 -1.82 -2.13
C VAL A 37 -5.86 -1.24 -0.98
N ARG A 38 -7.12 -0.89 -1.26
CA ARG A 38 -8.05 -0.49 -0.22
C ARG A 38 -8.11 -1.53 0.89
N ASP A 39 -8.47 -2.76 0.53
CA ASP A 39 -8.73 -3.79 1.54
C ASP A 39 -7.42 -4.31 2.13
N SER A 40 -6.46 -4.51 1.26
CA SER A 40 -5.16 -5.02 1.66
C SER A 40 -4.44 -4.04 2.58
N LEU A 41 -4.33 -2.79 2.14
CA LEU A 41 -3.66 -1.77 2.93
C LEU A 41 -4.55 -1.32 4.07
N LYS A 42 -5.83 -1.63 3.98
CA LYS A 42 -6.74 -1.35 5.09
C LYS A 42 -6.25 -2.10 6.30
N LYS A 43 -5.95 -3.37 6.12
CA LYS A 43 -5.37 -4.18 7.18
C LYS A 43 -4.06 -3.55 7.64
N ALA A 44 -3.26 -3.10 6.68
CA ALA A 44 -1.98 -2.44 6.97
C ALA A 44 -2.14 -1.29 7.99
N LEU A 45 -2.90 -0.27 7.62
CA LEU A 45 -3.09 0.91 8.47
C LEU A 45 -3.95 0.58 9.68
N MET A 46 -4.99 -0.21 9.48
CA MET A 46 -5.90 -0.57 10.57
C MET A 46 -5.21 -1.37 11.66
N MET A 47 -4.20 -2.15 11.29
CA MET A 47 -3.40 -2.86 12.31
C MET A 47 -2.48 -1.88 13.01
N ARG A 48 -2.14 -0.81 12.29
CA ARG A 48 -1.28 0.22 12.81
C ARG A 48 -2.06 1.22 13.66
N GLY A 49 -3.37 1.26 13.46
CA GLY A 49 -4.20 2.23 14.15
C GLY A 49 -4.39 3.49 13.34
N LEU A 50 -4.26 3.36 12.03
CA LEU A 50 -4.35 4.48 11.11
C LEU A 50 -5.50 4.29 10.15
N ILE A 51 -5.80 5.33 9.38
CA ILE A 51 -6.88 5.27 8.41
C ILE A 51 -6.35 5.51 6.99
N PRO A 52 -6.75 4.66 6.03
CA PRO A 52 -6.29 4.76 4.64
C PRO A 52 -6.99 5.87 3.88
N GLU A 53 -8.06 6.41 4.48
CA GLU A 53 -8.85 7.46 3.85
C GLU A 53 -8.03 8.72 3.61
N CYS A 54 -7.19 9.06 4.59
CA CYS A 54 -6.37 10.26 4.51
C CYS A 54 -4.95 9.92 4.04
N CYS A 55 -4.85 8.93 3.17
CA CYS A 55 -3.56 8.49 2.68
C CYS A 55 -3.65 8.10 1.21
N ALA A 56 -2.49 7.93 0.58
CA ALA A 56 -2.43 7.53 -0.82
C ALA A 56 -1.32 6.52 -1.03
N VAL A 57 -1.39 5.78 -2.14
CA VAL A 57 -0.41 4.75 -2.43
C VAL A 57 0.43 5.14 -3.65
N TYR A 58 1.74 5.10 -3.53
CA TYR A 58 2.63 5.34 -4.66
C TYR A 58 3.56 4.16 -4.85
N ARG A 59 3.89 3.87 -6.10
CA ARG A 59 4.96 2.93 -6.40
C ARG A 59 6.06 3.67 -7.14
N ILE A 60 7.24 3.71 -6.57
CA ILE A 60 8.32 4.46 -7.16
C ILE A 60 8.97 3.64 -8.27
N GLN A 61 8.70 4.05 -9.50
CA GLN A 61 9.34 3.46 -10.66
C GLN A 61 10.65 4.18 -10.93
N ASP A 62 10.98 4.42 -12.20
CA ASP A 62 12.27 4.99 -12.60
C ASP A 62 12.51 6.37 -11.98
N GLY A 63 12.88 6.38 -10.71
CA GLY A 63 13.08 7.60 -9.97
C GLY A 63 11.84 8.45 -9.88
N GLU A 64 10.68 7.86 -10.18
CA GLU A 64 9.44 8.63 -10.17
C GLU A 64 8.34 7.92 -9.41
N LYS A 65 7.60 8.67 -8.61
CA LYS A 65 6.54 8.13 -7.79
C LYS A 65 5.27 7.98 -8.61
N LYS A 66 4.69 6.78 -8.58
CA LYS A 66 3.48 6.49 -9.33
C LYS A 66 2.29 6.39 -8.38
N PRO A 67 1.41 7.40 -8.37
CA PRO A 67 0.22 7.37 -7.51
C PRO A 67 -0.79 6.34 -7.99
N ILE A 68 -1.04 5.39 -7.12
CA ILE A 68 -1.87 4.25 -7.41
C ILE A 68 -3.29 4.49 -6.93
N GLY A 69 -4.23 3.82 -7.56
CA GLY A 69 -5.61 3.91 -7.17
C GLY A 69 -5.91 2.99 -6.02
N TRP A 70 -6.75 3.44 -5.09
CA TRP A 70 -7.11 2.60 -3.96
C TRP A 70 -7.91 1.38 -4.42
N ASP A 71 -8.55 1.51 -5.58
CA ASP A 71 -9.25 0.37 -6.18
C ASP A 71 -8.37 -0.36 -7.18
N THR A 72 -7.07 -0.16 -7.05
CA THR A 72 -6.11 -0.91 -7.84
C THR A 72 -5.78 -2.22 -7.12
N ASP A 73 -5.65 -3.29 -7.89
CA ASP A 73 -5.31 -4.60 -7.34
C ASP A 73 -3.88 -4.61 -6.83
N ILE A 74 -3.72 -4.91 -5.55
CA ILE A 74 -2.41 -4.89 -4.90
C ILE A 74 -1.49 -5.99 -5.44
N SER A 75 -2.07 -7.03 -6.02
CA SER A 75 -1.29 -8.13 -6.53
C SER A 75 -0.59 -7.73 -7.84
N TRP A 76 -0.96 -6.57 -8.37
CA TRP A 76 -0.20 -5.99 -9.48
C TRP A 76 1.15 -5.54 -8.97
N LEU A 77 1.15 -4.99 -7.76
CA LEU A 77 2.33 -4.41 -7.16
C LEU A 77 2.98 -5.43 -6.22
N THR A 78 2.76 -6.71 -6.50
CA THR A 78 3.30 -7.80 -5.71
C THR A 78 4.80 -7.65 -5.46
N GLY A 79 5.14 -7.44 -4.20
CA GLY A 79 6.52 -7.48 -3.80
C GLY A 79 7.22 -6.15 -3.94
N GLU A 80 6.55 -5.19 -4.57
CA GLU A 80 7.10 -3.85 -4.72
C GLU A 80 7.00 -3.11 -3.39
N GLU A 81 7.85 -2.12 -3.22
CA GLU A 81 7.75 -1.27 -2.05
C GLU A 81 6.80 -0.12 -2.35
N LEU A 82 5.63 -0.14 -1.73
CA LEU A 82 4.66 0.90 -1.96
C LEU A 82 4.77 1.96 -0.90
N HIS A 83 4.39 3.17 -1.23
CA HIS A 83 4.54 4.29 -0.31
C HIS A 83 3.18 4.88 0.00
N VAL A 84 2.83 4.88 1.27
CA VAL A 84 1.58 5.45 1.74
C VAL A 84 1.85 6.83 2.32
N GLU A 85 1.34 7.83 1.62
CA GLU A 85 1.62 9.22 1.96
C GLU A 85 0.37 9.86 2.53
N VAL A 86 0.56 10.76 3.48
CA VAL A 86 -0.54 11.38 4.19
C VAL A 86 -1.12 12.54 3.38
N LEU A 87 -2.43 12.52 3.20
CA LEU A 87 -3.12 13.62 2.53
C LEU A 87 -3.36 14.76 3.52
N GLU A 88 -2.33 15.55 3.73
CA GLU A 88 -2.39 16.65 4.68
C GLU A 88 -1.75 17.89 4.08
N ASN A 89 -2.58 18.77 3.53
CA ASN A 89 -2.11 19.96 2.85
C ASN A 89 -2.08 21.17 3.79
N VAL A 90 -1.98 20.91 5.08
CA VAL A 90 -1.86 21.96 6.07
C VAL A 90 -0.45 22.02 6.63
N SER A 11 1.13 -20.10 -6.43
CA SER A 11 2.23 -20.09 -5.44
C SER A 11 1.72 -20.40 -4.04
N PRO A 12 2.25 -21.48 -3.43
CA PRO A 12 1.88 -21.88 -2.06
C PRO A 12 2.20 -20.80 -1.04
N GLN A 13 3.36 -20.16 -1.21
CA GLN A 13 3.73 -19.03 -0.38
C GLN A 13 3.21 -17.75 -1.03
N LYS A 14 2.46 -16.97 -0.27
CA LYS A 14 1.87 -15.76 -0.81
C LYS A 14 2.88 -14.62 -0.80
N PRO A 15 3.12 -13.99 -1.96
CA PRO A 15 4.02 -12.85 -2.08
C PRO A 15 3.51 -11.65 -1.28
N ILE A 16 4.38 -10.71 -0.99
CA ILE A 16 4.01 -9.54 -0.21
C ILE A 16 4.27 -8.25 -0.97
N VAL A 17 3.77 -7.18 -0.42
CA VAL A 17 4.00 -5.85 -0.95
C VAL A 17 4.42 -4.96 0.21
N ARG A 18 5.65 -4.47 0.16
CA ARG A 18 6.29 -3.86 1.31
C ARG A 18 6.06 -2.36 1.34
N VAL A 19 5.07 -1.94 2.13
CA VAL A 19 4.64 -0.55 2.16
C VAL A 19 5.37 0.26 3.22
N PHE A 20 5.68 1.49 2.86
CA PHE A 20 6.23 2.46 3.77
C PHE A 20 5.14 3.45 4.18
N LEU A 21 4.64 3.28 5.39
CA LEU A 21 3.50 4.04 5.86
C LEU A 21 3.96 5.39 6.39
N PRO A 22 3.01 6.30 6.68
CA PRO A 22 3.32 7.64 7.20
C PRO A 22 4.25 7.59 8.41
N ASN A 23 5.06 8.64 8.56
CA ASN A 23 6.07 8.73 9.62
C ASN A 23 7.18 7.72 9.38
N LYS A 24 7.43 7.43 8.10
CA LYS A 24 8.45 6.49 7.68
C LYS A 24 8.32 5.14 8.38
N GLN A 25 7.09 4.64 8.42
CA GLN A 25 6.81 3.35 8.98
C GLN A 25 6.80 2.32 7.86
N ARG A 26 6.75 1.05 8.17
CA ARG A 26 6.75 0.04 7.14
C ARG A 26 5.96 -1.20 7.54
N THR A 27 5.15 -1.69 6.63
CA THR A 27 4.42 -2.92 6.84
C THR A 27 4.19 -3.55 5.48
N VAL A 28 4.28 -4.87 5.42
CA VAL A 28 4.09 -5.52 4.15
C VAL A 28 2.89 -6.44 4.20
N VAL A 29 2.03 -6.28 3.21
CA VAL A 29 0.79 -6.99 3.13
C VAL A 29 0.86 -8.02 2.00
N PRO A 30 0.39 -9.24 2.25
CA PRO A 30 0.36 -10.28 1.23
C PRO A 30 -0.40 -9.83 0.00
N ALA A 31 0.23 -9.97 -1.15
CA ALA A 31 -0.38 -9.57 -2.41
C ALA A 31 -1.54 -10.49 -2.75
N ARG A 32 -2.72 -10.11 -2.27
CA ARG A 32 -3.91 -10.91 -2.41
C ARG A 32 -4.48 -10.78 -3.82
N CYS A 33 -4.46 -11.88 -4.55
CA CYS A 33 -5.01 -11.90 -5.89
C CYS A 33 -6.52 -11.78 -5.83
N GLY A 34 -7.06 -10.69 -6.36
CA GLY A 34 -8.49 -10.51 -6.39
C GLY A 34 -8.96 -9.47 -5.39
N VAL A 35 -8.03 -8.94 -4.59
CA VAL A 35 -8.37 -7.93 -3.61
C VAL A 35 -7.84 -6.57 -4.04
N THR A 36 -8.53 -5.53 -3.64
CA THR A 36 -8.09 -4.19 -3.94
C THR A 36 -7.13 -3.66 -2.89
N VAL A 37 -6.25 -2.75 -3.30
CA VAL A 37 -5.30 -2.12 -2.39
C VAL A 37 -6.01 -1.66 -1.12
N ARG A 38 -7.19 -1.07 -1.28
CA ARG A 38 -7.97 -0.60 -0.16
C ARG A 38 -8.14 -1.65 0.93
N ASP A 39 -8.51 -2.87 0.57
CA ASP A 39 -8.75 -3.91 1.58
C ASP A 39 -7.44 -4.35 2.24
N SER A 40 -6.46 -4.62 1.40
CA SER A 40 -5.18 -5.14 1.85
C SER A 40 -4.42 -4.10 2.69
N LEU A 41 -4.39 -2.87 2.21
CA LEU A 41 -3.76 -1.77 2.94
C LEU A 41 -4.62 -1.37 4.12
N LYS A 42 -5.94 -1.57 4.01
CA LYS A 42 -6.83 -1.26 5.12
C LYS A 42 -6.35 -1.98 6.36
N LYS A 43 -6.11 -3.29 6.22
CA LYS A 43 -5.56 -4.05 7.32
C LYS A 43 -4.25 -3.43 7.79
N ALA A 44 -3.38 -3.11 6.84
CA ALA A 44 -2.09 -2.49 7.14
C ALA A 44 -2.23 -1.24 8.04
N LEU A 45 -2.96 -0.24 7.55
CA LEU A 45 -3.15 1.01 8.28
C LEU A 45 -3.99 0.81 9.53
N MET A 46 -5.11 0.12 9.37
CA MET A 46 -6.06 -0.09 10.45
C MET A 46 -5.43 -0.82 11.64
N MET A 47 -4.49 -1.74 11.36
CA MET A 47 -3.76 -2.41 12.43
C MET A 47 -2.80 -1.44 13.09
N ARG A 48 -2.31 -0.50 12.30
CA ARG A 48 -1.35 0.48 12.77
C ARG A 48 -2.03 1.70 13.39
N GLY A 49 -3.35 1.73 13.34
CA GLY A 49 -4.10 2.84 13.91
C GLY A 49 -4.17 4.02 12.96
N LEU A 50 -4.06 3.74 11.68
CA LEU A 50 -4.11 4.75 10.64
C LEU A 50 -5.34 4.52 9.77
N ILE A 51 -5.73 5.56 9.05
CA ILE A 51 -6.87 5.45 8.14
C ILE A 51 -6.46 5.76 6.70
N PRO A 52 -6.80 4.86 5.76
CA PRO A 52 -6.48 5.03 4.35
C PRO A 52 -7.21 6.22 3.71
N GLU A 53 -8.23 6.72 4.43
CA GLU A 53 -9.02 7.85 3.95
C GLU A 53 -8.16 9.10 3.74
N CYS A 54 -7.26 9.34 4.67
CA CYS A 54 -6.42 10.53 4.60
C CYS A 54 -5.01 10.14 4.16
N CYS A 55 -4.93 9.07 3.38
CA CYS A 55 -3.65 8.53 2.93
C CYS A 55 -3.75 8.08 1.48
N ALA A 56 -2.61 7.86 0.85
CA ALA A 56 -2.59 7.35 -0.51
C ALA A 56 -1.36 6.50 -0.75
N VAL A 57 -1.38 5.73 -1.84
CA VAL A 57 -0.33 4.78 -2.14
C VAL A 57 0.49 5.22 -3.35
N TYR A 58 1.80 5.16 -3.22
CA TYR A 58 2.70 5.39 -4.34
C TYR A 58 3.67 4.23 -4.47
N ARG A 59 4.00 3.89 -5.70
CA ARG A 59 5.09 2.98 -5.98
C ARG A 59 6.13 3.74 -6.80
N ILE A 60 7.30 3.93 -6.24
CA ILE A 60 8.27 4.78 -6.87
C ILE A 60 9.01 4.01 -7.95
N GLN A 61 8.64 4.26 -9.21
CA GLN A 61 9.27 3.61 -10.34
C GLN A 61 10.62 4.26 -10.60
N ASP A 62 11.00 4.36 -11.87
CA ASP A 62 12.29 4.93 -12.27
C ASP A 62 12.47 6.35 -11.76
N GLY A 63 12.84 6.46 -10.49
CA GLY A 63 13.01 7.75 -9.85
C GLY A 63 11.74 8.58 -9.83
N GLU A 64 10.60 7.94 -10.07
CA GLU A 64 9.35 8.67 -10.19
C GLU A 64 8.29 8.12 -9.25
N LYS A 65 7.59 9.00 -8.57
CA LYS A 65 6.56 8.58 -7.63
C LYS A 65 5.27 8.28 -8.39
N LYS A 66 4.80 7.04 -8.29
CA LYS A 66 3.63 6.61 -9.04
C LYS A 66 2.44 6.40 -8.12
N PRO A 67 1.47 7.32 -8.13
CA PRO A 67 0.29 7.22 -7.29
C PRO A 67 -0.65 6.12 -7.76
N ILE A 68 -0.95 5.24 -6.85
CA ILE A 68 -1.77 4.08 -7.11
C ILE A 68 -3.20 4.32 -6.64
N GLY A 69 -4.14 3.63 -7.26
CA GLY A 69 -5.51 3.70 -6.86
C GLY A 69 -5.81 2.70 -5.78
N TRP A 70 -6.59 3.10 -4.79
CA TRP A 70 -6.96 2.19 -3.71
C TRP A 70 -7.86 1.08 -4.24
N ASP A 71 -8.49 1.34 -5.38
CA ASP A 71 -9.34 0.33 -6.02
C ASP A 71 -8.53 -0.48 -7.04
N THR A 72 -7.24 -0.25 -7.07
CA THR A 72 -6.36 -1.07 -7.88
C THR A 72 -6.10 -2.39 -7.16
N ASP A 73 -5.91 -3.47 -7.90
CA ASP A 73 -5.59 -4.75 -7.30
C ASP A 73 -4.14 -4.75 -6.84
N ILE A 74 -3.92 -5.15 -5.59
CA ILE A 74 -2.58 -5.09 -5.00
C ILE A 74 -1.66 -6.17 -5.59
N SER A 75 -2.24 -7.15 -6.27
CA SER A 75 -1.43 -8.16 -6.95
C SER A 75 -0.81 -7.58 -8.22
N TRP A 76 -1.24 -6.38 -8.59
CA TRP A 76 -0.62 -5.64 -9.67
C TRP A 76 0.63 -4.94 -9.16
N LEU A 77 0.75 -4.93 -7.84
CA LEU A 77 1.87 -4.28 -7.16
C LEU A 77 2.65 -5.31 -6.38
N THR A 78 2.47 -6.58 -6.76
CA THR A 78 3.09 -7.71 -6.08
C THR A 78 4.59 -7.54 -5.94
N GLY A 79 5.04 -7.48 -4.70
CA GLY A 79 6.44 -7.51 -4.40
C GLY A 79 7.10 -6.15 -4.45
N GLU A 80 6.34 -5.15 -4.84
CA GLU A 80 6.84 -3.79 -4.90
C GLU A 80 6.93 -3.21 -3.50
N GLU A 81 7.76 -2.20 -3.33
CA GLU A 81 7.78 -1.45 -2.10
C GLU A 81 6.95 -0.18 -2.27
N LEU A 82 5.83 -0.14 -1.57
CA LEU A 82 4.88 0.96 -1.70
C LEU A 82 5.13 2.00 -0.63
N HIS A 83 4.56 3.17 -0.82
CA HIS A 83 4.66 4.23 0.16
C HIS A 83 3.29 4.84 0.37
N VAL A 84 2.88 4.98 1.62
CA VAL A 84 1.63 5.64 1.92
C VAL A 84 1.89 7.07 2.38
N GLU A 85 1.28 8.01 1.68
CA GLU A 85 1.49 9.42 1.94
C GLU A 85 0.27 10.01 2.61
N VAL A 86 0.48 10.97 3.48
CA VAL A 86 -0.62 11.62 4.19
C VAL A 86 -1.20 12.73 3.34
N LEU A 87 -2.50 12.63 3.07
CA LEU A 87 -3.19 13.60 2.25
C LEU A 87 -3.37 14.90 3.02
N GLU A 88 -2.34 15.72 3.02
CA GLU A 88 -2.38 17.01 3.68
C GLU A 88 -1.91 18.09 2.72
N ASN A 89 -2.87 18.75 2.09
CA ASN A 89 -2.56 19.77 1.10
C ASN A 89 -3.76 20.70 0.88
N VAL A 90 -4.62 20.76 1.89
CA VAL A 90 -5.83 21.56 1.80
C VAL A 90 -5.88 22.60 2.92
N SER A 11 6.34 -24.18 -3.10
CA SER A 11 5.53 -23.73 -1.96
C SER A 11 4.56 -22.63 -2.39
N PRO A 12 3.25 -22.86 -2.19
CA PRO A 12 2.19 -21.89 -2.50
C PRO A 12 2.21 -20.70 -1.52
N GLN A 13 3.33 -19.99 -1.50
CA GLN A 13 3.48 -18.85 -0.62
C GLN A 13 2.76 -17.64 -1.19
N LYS A 14 1.89 -17.05 -0.38
CA LYS A 14 1.22 -15.81 -0.75
C LYS A 14 2.21 -14.67 -0.62
N PRO A 15 2.55 -14.03 -1.75
CA PRO A 15 3.57 -12.97 -1.77
C PRO A 15 3.14 -11.74 -0.99
N ILE A 16 4.09 -10.85 -0.72
CA ILE A 16 3.86 -9.66 0.06
C ILE A 16 4.47 -8.43 -0.63
N VAL A 17 3.89 -7.27 -0.38
CA VAL A 17 4.41 -6.03 -0.96
C VAL A 17 4.72 -5.03 0.16
N ARG A 18 5.87 -4.39 0.07
CA ARG A 18 6.46 -3.65 1.19
C ARG A 18 6.10 -2.17 1.15
N VAL A 19 5.08 -1.81 1.92
CA VAL A 19 4.56 -0.46 1.92
C VAL A 19 5.12 0.36 3.06
N PHE A 20 5.52 1.57 2.75
CA PHE A 20 6.00 2.52 3.74
C PHE A 20 4.83 3.38 4.22
N LEU A 21 4.32 3.10 5.41
CA LEU A 21 3.16 3.82 5.94
C LEU A 21 3.63 5.19 6.46
N PRO A 22 2.71 6.11 6.80
CA PRO A 22 3.05 7.43 7.32
C PRO A 22 4.00 7.38 8.52
N ASN A 23 4.79 8.45 8.69
CA ASN A 23 5.75 8.57 9.78
C ASN A 23 6.86 7.52 9.65
N LYS A 24 7.30 7.32 8.41
CA LYS A 24 8.44 6.45 8.10
C LYS A 24 8.20 5.01 8.54
N GLN A 25 6.93 4.59 8.53
CA GLN A 25 6.58 3.23 8.86
C GLN A 25 6.72 2.34 7.63
N ARG A 26 6.81 1.03 7.83
CA ARG A 26 6.84 0.09 6.72
C ARG A 26 6.19 -1.23 7.14
N THR A 27 5.34 -1.78 6.27
CA THR A 27 4.66 -3.04 6.54
C THR A 27 4.49 -3.79 5.24
N VAL A 28 4.45 -5.11 5.29
CA VAL A 28 4.26 -5.86 4.08
C VAL A 28 2.86 -6.45 4.05
N VAL A 29 2.18 -6.21 2.94
CA VAL A 29 0.84 -6.71 2.77
C VAL A 29 0.83 -7.89 1.83
N PRO A 30 0.17 -8.98 2.20
CA PRO A 30 0.05 -10.15 1.34
C PRO A 30 -0.74 -9.82 0.09
N ALA A 31 -0.10 -10.01 -1.05
CA ALA A 31 -0.70 -9.69 -2.33
C ALA A 31 -1.82 -10.66 -2.65
N ARG A 32 -3.04 -10.24 -2.32
CA ARG A 32 -4.21 -11.08 -2.43
C ARG A 32 -4.90 -10.89 -3.76
N CYS A 33 -4.87 -11.91 -4.61
CA CYS A 33 -5.50 -11.83 -5.92
C CYS A 33 -7.02 -11.82 -5.76
N GLY A 34 -7.63 -10.70 -6.11
CA GLY A 34 -9.06 -10.58 -5.96
C GLY A 34 -9.44 -9.59 -4.88
N VAL A 35 -8.44 -9.00 -4.26
CA VAL A 35 -8.66 -7.97 -3.26
C VAL A 35 -8.06 -6.66 -3.76
N THR A 36 -8.62 -5.54 -3.32
CA THR A 36 -8.09 -4.26 -3.74
C THR A 36 -7.01 -3.80 -2.80
N VAL A 37 -6.18 -2.88 -3.26
CA VAL A 37 -5.19 -2.24 -2.40
C VAL A 37 -5.89 -1.72 -1.15
N ARG A 38 -7.11 -1.21 -1.35
CA ARG A 38 -7.95 -0.76 -0.25
C ARG A 38 -7.98 -1.77 0.88
N ASP A 39 -8.40 -2.98 0.59
CA ASP A 39 -8.65 -3.96 1.63
C ASP A 39 -7.37 -4.39 2.33
N SER A 40 -6.34 -4.66 1.55
CA SER A 40 -5.10 -5.17 2.10
C SER A 40 -4.37 -4.07 2.87
N LEU A 41 -4.42 -2.85 2.35
CA LEU A 41 -3.80 -1.70 3.01
C LEU A 41 -4.64 -1.25 4.18
N LYS A 42 -5.95 -1.49 4.10
CA LYS A 42 -6.85 -1.18 5.20
C LYS A 42 -6.35 -1.86 6.45
N LYS A 43 -6.12 -3.16 6.38
CA LYS A 43 -5.63 -3.87 7.53
C LYS A 43 -4.25 -3.33 7.95
N ALA A 44 -3.42 -3.03 6.96
CA ALA A 44 -2.09 -2.47 7.22
C ALA A 44 -2.17 -1.19 8.06
N LEU A 45 -2.93 -0.22 7.58
CA LEU A 45 -3.09 1.07 8.26
C LEU A 45 -3.90 0.91 9.53
N MET A 46 -5.01 0.19 9.45
CA MET A 46 -5.92 0.02 10.58
C MET A 46 -5.24 -0.64 11.77
N MET A 47 -4.34 -1.58 11.51
CA MET A 47 -3.60 -2.24 12.59
C MET A 47 -2.50 -1.32 13.11
N ARG A 48 -2.24 -0.26 12.37
CA ARG A 48 -1.17 0.67 12.69
C ARG A 48 -1.72 2.02 13.15
N GLY A 49 -2.99 2.04 13.53
CA GLY A 49 -3.63 3.26 14.00
C GLY A 49 -3.67 4.33 12.93
N LEU A 50 -3.88 3.91 11.70
CA LEU A 50 -3.86 4.79 10.56
C LEU A 50 -5.13 4.62 9.74
N ILE A 51 -5.38 5.54 8.82
CA ILE A 51 -6.55 5.45 7.96
C ILE A 51 -6.20 5.64 6.49
N PRO A 52 -6.69 4.74 5.63
CA PRO A 52 -6.45 4.80 4.18
C PRO A 52 -7.17 5.97 3.53
N GLU A 53 -8.13 6.54 4.25
CA GLU A 53 -8.95 7.63 3.73
C GLU A 53 -8.12 8.89 3.50
N CYS A 54 -7.15 9.12 4.38
CA CYS A 54 -6.31 10.30 4.30
C CYS A 54 -4.90 9.91 3.89
N CYS A 55 -4.80 8.93 3.02
CA CYS A 55 -3.51 8.44 2.56
C CYS A 55 -3.59 7.98 1.11
N ALA A 56 -2.43 7.86 0.47
CA ALA A 56 -2.36 7.38 -0.90
C ALA A 56 -1.15 6.48 -1.10
N VAL A 57 -1.21 5.63 -2.10
CA VAL A 57 -0.15 4.67 -2.38
C VAL A 57 0.64 5.08 -3.61
N TYR A 58 1.95 5.23 -3.46
CA TYR A 58 2.83 5.49 -4.59
C TYR A 58 3.80 4.34 -4.76
N ARG A 59 4.26 4.15 -5.97
CA ARG A 59 5.39 3.26 -6.22
C ARG A 59 6.44 4.03 -7.00
N ILE A 60 7.57 4.28 -6.36
CA ILE A 60 8.59 5.12 -6.95
C ILE A 60 9.45 4.33 -7.95
N GLN A 61 9.27 4.66 -9.22
CA GLN A 61 10.10 4.12 -10.28
C GLN A 61 11.39 4.95 -10.37
N ASP A 62 11.93 5.11 -11.58
CA ASP A 62 13.17 5.88 -11.77
C ASP A 62 13.02 7.33 -11.32
N GLY A 63 13.09 7.56 -10.02
CA GLY A 63 12.93 8.89 -9.47
C GLY A 63 11.51 9.40 -9.63
N GLU A 64 10.59 8.51 -9.93
CA GLU A 64 9.21 8.91 -10.20
C GLU A 64 8.25 8.33 -9.20
N LYS A 65 7.35 9.15 -8.69
CA LYS A 65 6.34 8.67 -7.77
C LYS A 65 5.07 8.33 -8.53
N LYS A 66 4.74 7.07 -8.58
CA LYS A 66 3.57 6.63 -9.31
C LYS A 66 2.40 6.43 -8.36
N PRO A 67 1.41 7.33 -8.39
CA PRO A 67 0.26 7.24 -7.51
C PRO A 67 -0.69 6.14 -7.97
N ILE A 68 -0.87 5.18 -7.10
CA ILE A 68 -1.64 4.00 -7.38
C ILE A 68 -3.09 4.16 -6.93
N GLY A 69 -3.98 3.45 -7.60
CA GLY A 69 -5.37 3.51 -7.24
C GLY A 69 -5.70 2.52 -6.14
N TRP A 70 -6.53 2.93 -5.20
CA TRP A 70 -6.88 2.09 -4.07
C TRP A 70 -7.74 0.91 -4.50
N ASP A 71 -8.61 1.12 -5.48
CA ASP A 71 -9.47 0.05 -5.98
C ASP A 71 -8.75 -0.81 -7.01
N THR A 72 -7.47 -0.53 -7.19
CA THR A 72 -6.61 -1.40 -7.99
C THR A 72 -6.29 -2.64 -7.16
N ASP A 73 -6.11 -3.77 -7.82
CA ASP A 73 -5.76 -4.99 -7.12
C ASP A 73 -4.31 -4.92 -6.67
N ILE A 74 -4.05 -5.28 -5.42
CA ILE A 74 -2.71 -5.23 -4.84
C ILE A 74 -1.80 -6.29 -5.49
N SER A 75 -2.41 -7.26 -6.15
CA SER A 75 -1.66 -8.28 -6.87
C SER A 75 -0.89 -7.67 -8.04
N TRP A 76 -1.27 -6.44 -8.41
CA TRP A 76 -0.56 -5.71 -9.45
C TRP A 76 0.70 -5.06 -8.88
N LEU A 77 0.75 -4.96 -7.56
CA LEU A 77 1.87 -4.34 -6.87
C LEU A 77 2.64 -5.38 -6.07
N THR A 78 2.44 -6.64 -6.44
CA THR A 78 3.03 -7.77 -5.74
C THR A 78 4.54 -7.61 -5.58
N GLY A 79 4.94 -7.46 -4.34
CA GLY A 79 6.34 -7.47 -4.01
C GLY A 79 7.05 -6.17 -4.28
N GLU A 80 6.29 -5.15 -4.62
CA GLU A 80 6.85 -3.83 -4.85
C GLU A 80 6.98 -3.09 -3.52
N GLU A 81 7.94 -2.18 -3.42
CA GLU A 81 8.00 -1.32 -2.26
C GLU A 81 7.14 -0.09 -2.52
N LEU A 82 6.05 0.01 -1.78
CA LEU A 82 5.07 1.06 -1.99
C LEU A 82 5.17 2.10 -0.88
N HIS A 83 4.67 3.28 -1.13
CA HIS A 83 4.73 4.36 -0.15
C HIS A 83 3.34 4.92 0.10
N VAL A 84 2.93 4.88 1.35
CA VAL A 84 1.66 5.43 1.76
C VAL A 84 1.87 6.79 2.41
N GLU A 85 1.35 7.82 1.77
CA GLU A 85 1.57 9.18 2.22
C GLU A 85 0.28 9.79 2.73
N VAL A 86 0.38 10.57 3.80
CA VAL A 86 -0.79 11.26 4.35
C VAL A 86 -1.19 12.40 3.44
N LEU A 87 -2.45 12.43 3.06
CA LEU A 87 -2.98 13.50 2.25
C LEU A 87 -3.24 14.72 3.12
N GLU A 88 -2.17 15.48 3.38
CA GLU A 88 -2.25 16.60 4.30
C GLU A 88 -2.99 17.75 3.66
N ASN A 89 -4.28 17.79 3.94
CA ASN A 89 -5.16 18.84 3.46
C ASN A 89 -6.42 18.84 4.32
N VAL A 90 -6.24 18.43 5.57
CA VAL A 90 -7.36 18.31 6.50
C VAL A 90 -7.47 19.57 7.35
N SER A 11 -3.42 -20.83 -1.61
CA SER A 11 -2.17 -20.31 -2.19
C SER A 11 -0.97 -20.69 -1.34
N PRO A 12 -0.13 -21.60 -1.84
CA PRO A 12 1.10 -22.00 -1.15
C PRO A 12 2.13 -20.87 -1.16
N GLN A 13 2.22 -20.20 -2.28
CA GLN A 13 3.08 -19.04 -2.41
C GLN A 13 2.29 -17.78 -2.08
N LYS A 14 2.56 -17.22 -0.91
CA LYS A 14 1.92 -15.98 -0.49
C LYS A 14 2.91 -14.84 -0.52
N PRO A 15 3.02 -14.15 -1.66
CA PRO A 15 3.93 -13.02 -1.80
C PRO A 15 3.41 -11.79 -1.08
N ILE A 16 4.32 -10.94 -0.66
CA ILE A 16 3.95 -9.74 0.09
C ILE A 16 4.53 -8.50 -0.57
N VAL A 17 3.94 -7.34 -0.34
CA VAL A 17 4.44 -6.10 -0.89
C VAL A 17 4.68 -5.06 0.23
N ARG A 18 5.84 -4.40 0.20
CA ARG A 18 6.33 -3.61 1.34
C ARG A 18 5.96 -2.13 1.22
N VAL A 19 4.98 -1.71 2.00
CA VAL A 19 4.52 -0.34 1.96
C VAL A 19 5.16 0.50 3.04
N PHE A 20 5.58 1.69 2.65
CA PHE A 20 6.11 2.67 3.59
C PHE A 20 5.03 3.66 3.96
N LEU A 21 4.49 3.48 5.16
CA LEU A 21 3.30 4.21 5.59
C LEU A 21 3.69 5.59 6.16
N PRO A 22 2.69 6.43 6.50
CA PRO A 22 2.92 7.76 7.08
C PRO A 22 3.90 7.74 8.26
N ASN A 23 4.57 8.87 8.47
CA ASN A 23 5.62 9.00 9.49
C ASN A 23 6.78 8.09 9.17
N LYS A 24 6.92 7.74 7.89
CA LYS A 24 8.01 6.90 7.41
C LYS A 24 7.96 5.52 8.06
N GLN A 25 6.77 4.97 8.14
CA GLN A 25 6.57 3.64 8.68
C GLN A 25 6.66 2.60 7.56
N ARG A 26 6.54 1.33 7.90
CA ARG A 26 6.55 0.28 6.90
C ARG A 26 5.66 -0.87 7.35
N THR A 27 5.13 -1.61 6.39
CA THR A 27 4.44 -2.85 6.66
C THR A 27 4.33 -3.66 5.38
N VAL A 28 4.26 -4.97 5.49
CA VAL A 28 4.11 -5.78 4.31
C VAL A 28 2.77 -6.50 4.34
N VAL A 29 2.02 -6.37 3.27
CA VAL A 29 0.72 -6.99 3.15
C VAL A 29 0.74 -8.02 2.03
N PRO A 30 0.21 -9.23 2.28
CA PRO A 30 0.17 -10.29 1.28
C PRO A 30 -0.58 -9.85 0.03
N ALA A 31 0.03 -10.09 -1.12
CA ALA A 31 -0.53 -9.68 -2.40
C ALA A 31 -1.70 -10.58 -2.79
N ARG A 32 -2.83 -10.33 -2.13
CA ARG A 32 -4.03 -11.10 -2.33
C ARG A 32 -4.64 -10.85 -3.71
N CYS A 33 -4.61 -11.87 -4.56
CA CYS A 33 -5.17 -11.76 -5.89
C CYS A 33 -6.69 -11.67 -5.82
N GLY A 34 -7.23 -10.55 -6.26
CA GLY A 34 -8.66 -10.36 -6.20
C GLY A 34 -9.05 -9.37 -5.12
N VAL A 35 -8.07 -8.94 -4.33
CA VAL A 35 -8.31 -7.96 -3.30
C VAL A 35 -7.81 -6.60 -3.76
N THR A 36 -8.53 -5.56 -3.41
CA THR A 36 -8.13 -4.23 -3.79
C THR A 36 -7.19 -3.62 -2.77
N VAL A 37 -6.38 -2.67 -3.21
CA VAL A 37 -5.44 -1.98 -2.34
C VAL A 37 -6.17 -1.39 -1.13
N ARG A 38 -7.40 -0.96 -1.31
CA ARG A 38 -8.19 -0.46 -0.20
C ARG A 38 -8.31 -1.50 0.91
N ASP A 39 -8.65 -2.73 0.56
CA ASP A 39 -8.86 -3.78 1.57
C ASP A 39 -7.53 -4.20 2.19
N SER A 40 -6.56 -4.42 1.32
CA SER A 40 -5.23 -4.85 1.74
C SER A 40 -4.55 -3.80 2.61
N LEU A 41 -4.49 -2.58 2.10
CA LEU A 41 -3.87 -1.46 2.81
C LEU A 41 -4.70 -1.05 4.01
N LYS A 42 -6.00 -1.35 3.97
CA LYS A 42 -6.86 -1.08 5.11
C LYS A 42 -6.32 -1.80 6.32
N LYS A 43 -6.07 -3.11 6.16
CA LYS A 43 -5.49 -3.88 7.24
C LYS A 43 -4.12 -3.33 7.61
N ALA A 44 -3.33 -3.00 6.60
CA ALA A 44 -2.00 -2.43 6.81
C ALA A 44 -2.04 -1.22 7.73
N LEU A 45 -2.77 -0.19 7.31
CA LEU A 45 -2.89 1.05 8.07
C LEU A 45 -3.62 0.81 9.39
N MET A 46 -4.71 0.06 9.33
CA MET A 46 -5.52 -0.20 10.52
C MET A 46 -4.73 -0.94 11.61
N MET A 47 -3.79 -1.78 11.21
CA MET A 47 -2.92 -2.46 12.18
C MET A 47 -1.86 -1.50 12.69
N ARG A 48 -1.58 -0.47 11.89
CA ARG A 48 -0.55 0.51 12.19
C ARG A 48 -1.14 1.74 12.89
N GLY A 49 -2.42 1.68 13.22
CA GLY A 49 -3.08 2.82 13.86
C GLY A 49 -3.24 3.99 12.91
N LEU A 50 -3.52 3.67 11.66
CA LEU A 50 -3.63 4.65 10.60
C LEU A 50 -4.90 4.43 9.81
N ILE A 51 -5.28 5.41 9.00
CA ILE A 51 -6.46 5.28 8.15
C ILE A 51 -6.13 5.58 6.69
N PRO A 52 -6.63 4.73 5.77
CA PRO A 52 -6.42 4.91 4.33
C PRO A 52 -7.18 6.12 3.79
N GLU A 53 -8.13 6.60 4.58
CA GLU A 53 -8.99 7.72 4.20
C GLU A 53 -8.17 8.98 3.92
N CYS A 54 -7.22 9.27 4.79
CA CYS A 54 -6.40 10.47 4.65
C CYS A 54 -5.01 10.10 4.17
N CYS A 55 -4.96 9.08 3.32
CA CYS A 55 -3.69 8.56 2.84
C CYS A 55 -3.78 8.17 1.36
N ALA A 56 -2.63 8.02 0.71
CA ALA A 56 -2.59 7.55 -0.66
C ALA A 56 -1.36 6.66 -0.90
N VAL A 57 -1.47 5.77 -1.87
CA VAL A 57 -0.42 4.81 -2.16
C VAL A 57 0.34 5.18 -3.42
N TYR A 58 1.65 5.04 -3.39
CA TYR A 58 2.50 5.23 -4.56
C TYR A 58 3.41 4.03 -4.73
N ARG A 59 3.79 3.73 -5.96
CA ARG A 59 4.88 2.80 -6.20
C ARG A 59 6.02 3.57 -6.87
N ILE A 60 7.15 3.64 -6.18
CA ILE A 60 8.26 4.43 -6.68
C ILE A 60 9.02 3.66 -7.74
N GLN A 61 8.92 4.15 -8.96
CA GLN A 61 9.67 3.62 -10.07
C GLN A 61 11.01 4.33 -10.15
N ASP A 62 11.49 4.59 -11.37
CA ASP A 62 12.81 5.19 -11.59
C ASP A 62 12.97 6.54 -10.90
N GLY A 63 13.24 6.50 -9.59
CA GLY A 63 13.41 7.70 -8.80
C GLY A 63 12.17 8.57 -8.80
N GLU A 64 11.05 7.99 -9.17
CA GLU A 64 9.80 8.75 -9.24
C GLU A 64 8.67 7.98 -8.59
N LYS A 65 7.57 8.65 -8.37
CA LYS A 65 6.44 8.04 -7.72
C LYS A 65 5.31 7.80 -8.71
N LYS A 66 4.73 6.61 -8.68
CA LYS A 66 3.57 6.31 -9.47
C LYS A 66 2.39 6.10 -8.53
N PRO A 67 1.48 7.09 -8.43
CA PRO A 67 0.32 7.00 -7.55
C PRO A 67 -0.59 5.84 -7.90
N ILE A 68 -0.97 5.08 -6.89
CA ILE A 68 -1.80 3.91 -7.06
C ILE A 68 -3.26 4.26 -6.78
N GLY A 69 -4.15 3.45 -7.30
CA GLY A 69 -5.55 3.58 -6.99
C GLY A 69 -5.94 2.63 -5.89
N TRP A 70 -6.80 3.06 -4.99
CA TRP A 70 -7.20 2.22 -3.88
C TRP A 70 -8.06 1.05 -4.35
N ASP A 71 -8.69 1.20 -5.51
CA ASP A 71 -9.48 0.11 -6.09
C ASP A 71 -8.65 -0.69 -7.07
N THR A 72 -7.35 -0.42 -7.09
CA THR A 72 -6.41 -1.21 -7.87
C THR A 72 -6.13 -2.52 -7.13
N ASP A 73 -5.84 -3.57 -7.87
CA ASP A 73 -5.50 -4.85 -7.26
C ASP A 73 -4.05 -4.83 -6.81
N ILE A 74 -3.89 -5.11 -5.53
CA ILE A 74 -2.58 -5.19 -4.88
C ILE A 74 -1.64 -6.15 -5.61
N SER A 75 -2.21 -7.17 -6.24
CA SER A 75 -1.44 -8.16 -6.98
C SER A 75 -0.69 -7.53 -8.16
N TRP A 76 -1.09 -6.32 -8.55
CA TRP A 76 -0.38 -5.60 -9.60
C TRP A 76 0.88 -4.95 -9.03
N LEU A 77 0.94 -4.92 -7.69
CA LEU A 77 2.02 -4.29 -6.96
C LEU A 77 2.76 -5.34 -6.13
N THR A 78 2.53 -6.60 -6.46
CA THR A 78 3.10 -7.74 -5.74
C THR A 78 4.59 -7.62 -5.52
N GLY A 79 4.96 -7.60 -4.26
CA GLY A 79 6.34 -7.68 -3.87
C GLY A 79 7.11 -6.40 -4.09
N GLU A 80 6.40 -5.34 -4.43
CA GLU A 80 7.03 -4.06 -4.65
C GLU A 80 7.01 -3.23 -3.37
N GLU A 81 7.81 -2.19 -3.35
CA GLU A 81 7.83 -1.29 -2.22
C GLU A 81 6.93 -0.10 -2.51
N LEU A 82 5.81 -0.01 -1.81
CA LEU A 82 4.86 1.06 -1.99
C LEU A 82 5.06 2.09 -0.90
N HIS A 83 4.48 3.27 -1.08
CA HIS A 83 4.61 4.34 -0.12
C HIS A 83 3.27 5.02 0.10
N VAL A 84 2.84 5.08 1.34
CA VAL A 84 1.60 5.74 1.68
C VAL A 84 1.88 7.10 2.31
N GLU A 85 1.29 8.12 1.72
CA GLU A 85 1.48 9.49 2.18
C GLU A 85 0.19 10.03 2.80
N VAL A 86 0.33 11.00 3.68
CA VAL A 86 -0.81 11.63 4.32
C VAL A 86 -1.40 12.72 3.43
N LEU A 87 -2.70 12.66 3.21
CA LEU A 87 -3.40 13.67 2.44
C LEU A 87 -3.79 14.83 3.35
N GLU A 88 -2.85 15.72 3.60
CA GLU A 88 -3.12 16.87 4.44
C GLU A 88 -3.36 18.08 3.56
N ASN A 89 -4.62 18.34 3.31
CA ASN A 89 -5.04 19.46 2.48
C ASN A 89 -6.17 20.22 3.18
N VAL A 90 -6.06 20.30 4.50
CA VAL A 90 -7.07 20.95 5.31
C VAL A 90 -6.49 22.18 6.00
N SER A 11 -1.44 -20.76 -3.81
CA SER A 11 0.01 -20.95 -3.98
C SER A 11 0.68 -21.09 -2.62
N PRO A 12 1.53 -22.12 -2.48
CA PRO A 12 2.30 -22.37 -1.26
C PRO A 12 3.19 -21.18 -0.89
N GLN A 13 3.70 -20.50 -1.90
CA GLN A 13 4.46 -19.28 -1.69
C GLN A 13 3.59 -18.07 -1.97
N LYS A 14 3.07 -17.47 -0.91
CA LYS A 14 2.25 -16.27 -1.05
C LYS A 14 3.12 -15.04 -0.91
N PRO A 15 3.29 -14.27 -1.99
CA PRO A 15 4.17 -13.10 -2.01
C PRO A 15 3.62 -11.93 -1.21
N ILE A 16 4.49 -10.99 -0.88
CA ILE A 16 4.11 -9.82 -0.11
C ILE A 16 4.60 -8.55 -0.79
N VAL A 17 3.98 -7.41 -0.47
CA VAL A 17 4.41 -6.12 -1.02
C VAL A 17 4.67 -5.15 0.14
N ARG A 18 5.80 -4.43 0.07
CA ARG A 18 6.29 -3.66 1.20
C ARG A 18 5.80 -2.23 1.17
N VAL A 19 4.89 -1.93 2.07
CA VAL A 19 4.27 -0.62 2.15
C VAL A 19 4.96 0.26 3.17
N PHE A 20 5.02 1.54 2.87
CA PHE A 20 5.59 2.52 3.78
C PHE A 20 4.49 3.45 4.31
N LEU A 21 4.05 3.22 5.54
CA LEU A 21 2.90 3.91 6.12
C LEU A 21 3.30 5.34 6.51
N PRO A 22 2.34 6.20 6.95
CA PRO A 22 2.63 7.57 7.36
C PRO A 22 3.72 7.65 8.43
N ASN A 23 4.39 8.80 8.48
CA ASN A 23 5.53 9.02 9.38
C ASN A 23 6.70 8.13 8.96
N LYS A 24 6.68 7.70 7.70
CA LYS A 24 7.73 6.87 7.13
C LYS A 24 7.84 5.53 7.85
N GLN A 25 6.69 4.92 8.12
CA GLN A 25 6.64 3.58 8.70
C GLN A 25 6.70 2.55 7.59
N ARG A 26 6.83 1.28 7.92
CA ARG A 26 6.90 0.23 6.90
C ARG A 26 6.29 -1.08 7.36
N THR A 27 5.48 -1.66 6.50
CA THR A 27 4.87 -2.97 6.73
C THR A 27 4.94 -3.77 5.44
N VAL A 28 4.53 -5.03 5.47
CA VAL A 28 4.39 -5.78 4.24
C VAL A 28 3.05 -6.49 4.22
N VAL A 29 2.31 -6.31 3.15
CA VAL A 29 1.00 -6.90 3.00
C VAL A 29 1.05 -7.99 1.95
N PRO A 30 0.53 -9.18 2.28
CA PRO A 30 0.48 -10.30 1.35
C PRO A 30 -0.26 -9.94 0.08
N ALA A 31 0.41 -10.09 -1.05
CA ALA A 31 -0.18 -9.80 -2.35
C ALA A 31 -1.36 -10.72 -2.57
N ARG A 32 -2.53 -10.16 -2.33
CA ARG A 32 -3.75 -10.92 -2.25
C ARG A 32 -4.63 -10.67 -3.47
N CYS A 33 -4.78 -11.70 -4.29
CA CYS A 33 -5.52 -11.61 -5.54
C CYS A 33 -7.01 -11.47 -5.26
N GLY A 34 -7.62 -10.45 -5.85
CA GLY A 34 -9.06 -10.25 -5.71
C GLY A 34 -9.37 -9.05 -4.85
N VAL A 35 -8.42 -8.65 -4.05
CA VAL A 35 -8.59 -7.53 -3.15
C VAL A 35 -7.97 -6.27 -3.74
N THR A 36 -8.63 -5.16 -3.52
CA THR A 36 -8.11 -3.88 -3.94
C THR A 36 -7.11 -3.38 -2.92
N VAL A 37 -6.10 -2.63 -3.34
CA VAL A 37 -5.06 -2.18 -2.44
C VAL A 37 -5.68 -1.56 -1.19
N ARG A 38 -6.84 -0.93 -1.34
CA ARG A 38 -7.53 -0.32 -0.22
C ARG A 38 -7.87 -1.31 0.87
N ASP A 39 -8.35 -2.51 0.53
CA ASP A 39 -8.73 -3.47 1.57
C ASP A 39 -7.50 -4.01 2.26
N SER A 40 -6.53 -4.42 1.46
CA SER A 40 -5.28 -4.96 1.98
C SER A 40 -4.52 -3.93 2.81
N LEU A 41 -4.47 -2.70 2.31
CA LEU A 41 -3.82 -1.60 3.00
C LEU A 41 -4.64 -1.16 4.20
N LYS A 42 -5.96 -1.21 4.04
CA LYS A 42 -6.87 -0.81 5.11
C LYS A 42 -6.50 -1.51 6.39
N LYS A 43 -6.22 -2.79 6.29
CA LYS A 43 -5.79 -3.56 7.43
C LYS A 43 -4.41 -3.12 7.89
N ALA A 44 -3.48 -3.08 6.95
CA ALA A 44 -2.11 -2.59 7.22
C ALA A 44 -2.11 -1.32 8.07
N LEU A 45 -2.84 -0.30 7.63
CA LEU A 45 -2.98 0.95 8.36
C LEU A 45 -3.79 0.78 9.63
N MET A 46 -4.98 0.20 9.50
CA MET A 46 -5.90 0.03 10.63
C MET A 46 -5.24 -0.69 11.81
N MET A 47 -4.41 -1.68 11.52
CA MET A 47 -3.73 -2.44 12.57
C MET A 47 -2.61 -1.61 13.18
N ARG A 48 -2.23 -0.56 12.46
CA ARG A 48 -1.15 0.32 12.86
C ARG A 48 -1.67 1.65 13.39
N GLY A 49 -2.97 1.70 13.64
CA GLY A 49 -3.59 2.91 14.14
C GLY A 49 -3.60 4.02 13.11
N LEU A 50 -3.84 3.64 11.87
CA LEU A 50 -3.80 4.57 10.75
C LEU A 50 -5.03 4.42 9.87
N ILE A 51 -5.35 5.45 9.13
CA ILE A 51 -6.47 5.43 8.21
C ILE A 51 -6.05 5.71 6.78
N PRO A 52 -6.42 4.82 5.84
CA PRO A 52 -6.11 4.99 4.42
C PRO A 52 -6.90 6.12 3.79
N GLU A 53 -7.92 6.58 4.50
CA GLU A 53 -8.80 7.64 4.04
C GLU A 53 -8.01 8.92 3.73
N CYS A 54 -7.06 9.23 4.59
CA CYS A 54 -6.26 10.43 4.44
C CYS A 54 -4.85 10.09 3.95
N CYS A 55 -4.76 9.08 3.10
CA CYS A 55 -3.47 8.62 2.58
C CYS A 55 -3.60 8.15 1.14
N ALA A 56 -2.47 8.01 0.46
CA ALA A 56 -2.44 7.49 -0.89
C ALA A 56 -1.27 6.55 -1.07
N VAL A 57 -1.35 5.71 -2.10
CA VAL A 57 -0.33 4.71 -2.36
C VAL A 57 0.49 5.07 -3.59
N TYR A 58 1.79 4.84 -3.52
CA TYR A 58 2.68 5.08 -4.66
C TYR A 58 3.62 3.91 -4.85
N ARG A 59 3.92 3.56 -6.08
CA ARG A 59 5.02 2.65 -6.36
C ARG A 59 6.14 3.47 -6.97
N ILE A 60 7.28 3.52 -6.31
CA ILE A 60 8.34 4.41 -6.75
C ILE A 60 9.11 3.78 -7.90
N GLN A 61 8.86 4.29 -9.10
CA GLN A 61 9.60 3.91 -10.28
C GLN A 61 10.96 4.60 -10.30
N ASP A 62 11.47 4.94 -11.48
CA ASP A 62 12.80 5.56 -11.61
C ASP A 62 12.84 6.93 -10.92
N GLY A 63 12.96 6.90 -9.60
CA GLY A 63 12.94 8.11 -8.81
C GLY A 63 11.59 8.79 -8.89
N GLU A 64 10.59 8.06 -9.35
CA GLU A 64 9.27 8.63 -9.55
C GLU A 64 8.26 8.08 -8.57
N LYS A 65 7.48 8.97 -8.00
CA LYS A 65 6.37 8.57 -7.17
C LYS A 65 5.19 8.28 -8.06
N LYS A 66 4.98 7.03 -8.37
CA LYS A 66 3.94 6.61 -9.28
C LYS A 66 2.69 6.24 -8.49
N PRO A 67 1.71 7.15 -8.40
CA PRO A 67 0.53 6.95 -7.56
C PRO A 67 -0.32 5.77 -8.02
N ILE A 68 -0.75 5.00 -7.04
CA ILE A 68 -1.58 3.84 -7.26
C ILE A 68 -3.03 4.20 -7.02
N GLY A 69 -3.92 3.47 -7.66
CA GLY A 69 -5.33 3.63 -7.40
C GLY A 69 -5.77 2.74 -6.27
N TRP A 70 -6.55 3.28 -5.34
CA TRP A 70 -6.98 2.51 -4.19
C TRP A 70 -7.89 1.36 -4.62
N ASP A 71 -8.54 1.51 -5.77
CA ASP A 71 -9.41 0.46 -6.30
C ASP A 71 -8.65 -0.45 -7.26
N THR A 72 -7.33 -0.35 -7.25
CA THR A 72 -6.49 -1.24 -8.02
C THR A 72 -6.18 -2.48 -7.19
N ASP A 73 -6.08 -3.63 -7.84
CA ASP A 73 -5.77 -4.87 -7.14
C ASP A 73 -4.31 -4.88 -6.69
N ILE A 74 -4.07 -5.27 -5.45
CA ILE A 74 -2.73 -5.24 -4.87
C ILE A 74 -1.84 -6.31 -5.50
N SER A 75 -2.45 -7.27 -6.18
CA SER A 75 -1.72 -8.30 -6.89
C SER A 75 -0.95 -7.71 -8.07
N TRP A 76 -1.36 -6.52 -8.50
CA TRP A 76 -0.65 -5.81 -9.57
C TRP A 76 0.63 -5.20 -9.03
N LEU A 77 0.63 -4.99 -7.72
CA LEU A 77 1.74 -4.35 -7.04
C LEU A 77 2.48 -5.38 -6.19
N THR A 78 2.36 -6.65 -6.58
CA THR A 78 2.97 -7.75 -5.86
C THR A 78 4.47 -7.56 -5.69
N GLY A 79 4.86 -7.39 -4.46
CA GLY A 79 6.26 -7.33 -4.12
C GLY A 79 6.85 -5.95 -4.29
N GLU A 80 6.03 -5.02 -4.76
CA GLU A 80 6.46 -3.65 -4.94
C GLU A 80 6.54 -2.96 -3.60
N GLU A 81 7.33 -1.90 -3.53
CA GLU A 81 7.34 -1.06 -2.36
C GLU A 81 6.29 0.03 -2.54
N LEU A 82 5.20 -0.09 -1.80
CA LEU A 82 4.08 0.82 -1.95
C LEU A 82 4.09 1.84 -0.83
N HIS A 83 4.39 3.08 -1.20
CA HIS A 83 4.50 4.15 -0.24
C HIS A 83 3.14 4.75 0.05
N VAL A 84 2.78 4.73 1.31
CA VAL A 84 1.56 5.35 1.79
C VAL A 84 1.88 6.69 2.41
N GLU A 85 1.47 7.73 1.72
CA GLU A 85 1.73 9.09 2.13
C GLU A 85 0.44 9.75 2.57
N VAL A 86 0.54 10.61 3.57
CA VAL A 86 -0.62 11.32 4.06
C VAL A 86 -1.04 12.39 3.06
N LEU A 87 -2.33 12.44 2.78
CA LEU A 87 -2.86 13.39 1.80
C LEU A 87 -2.92 14.79 2.41
N GLU A 88 -1.79 15.48 2.39
CA GLU A 88 -1.75 16.84 2.85
C GLU A 88 -1.73 17.76 1.64
N ASN A 89 -2.91 18.20 1.24
CA ASN A 89 -3.08 19.05 0.07
C ASN A 89 -3.78 20.34 0.45
N VAL A 90 -3.66 20.70 1.72
CA VAL A 90 -4.25 21.91 2.24
C VAL A 90 -3.21 22.72 3.02
#